data_7VO0
#
_entry.id   7VO0
#
_cell.length_a   1.00
_cell.length_b   1.00
_cell.length_c   1.00
_cell.angle_alpha   90.00
_cell.angle_beta   90.00
_cell.angle_gamma   90.00
#
_symmetry.space_group_name_H-M   'P 1'
#
loop_
_entity.id
_entity.type
_entity.pdbx_description
1 polymer 'DNA_NT (84-MER)'
2 polymer 'DNA_T (84-MER)'
3 polymer 'Putative metal uptake regulation protein'
4 non-polymer 'ZINC ION'
#
loop_
_entity_poly.entity_id
_entity_poly.type
_entity_poly.pdbx_seq_one_letter_code
_entity_poly.pdbx_strand_id
1 'polydeoxyribonucleotide'
;(DC)(DA)(DA)(DG)(DG)(DC)(DA)(DC)(DA)(DT)(DG)(DA)(DC)(DA)(DA)(DC)(DG)(DG)(DT)(DG)
(DT)(DT)(DC)(DA)(DG)(DT)(DG)(DC)(DC)(DG)(DC)(DG)(DT)(DT)(DG)(DC)(DC)(DC)(DG)(DA)
(DT)(DA)(DC)(DC)(DC)(DC)(DC)(DT)(DA)(DC)(DC)(DC)(DG)(DT)(DA)(DG)(DT)(DT)(DG)(DA)
(DC)(DT)(DG)(DG)(DC)(DA)(DT)(DC)(DC)(DG)(DG)(DG)(DC)(DG)(DC)(DC)(DG)(DG)(DG)(DT)
(DC)(DG)(DC)(DC)
;
A
2 'polydeoxyribonucleotide'
;(DG)(DG)(DC)(DG)(DA)(DC)(DC)(DC)(DG)(DG)(DC)(DG)(DC)(DC)(DG)(DC)(DC)(DT)(DA)(DC)
(DG)(DG)(DT)(DC)(DA)(DG)(DT)(DA)(DC)(DT)(DA)(DC)(DG)(DG)(DG)(DT)(DA)(DG)(DG)(DG)
(DG)(DG)(DT)(DA)(DT)(DC)(DG)(DG)(DG)(DC)(DA)(DA)(DC)(DG)(DC)(DG)(DG)(DC)(DA)(DC)
(DT)(DG)(DA)(DA)(DC)(DA)(DC)(DC)(DG)(DT)(DT)(DG)(DT)(DC)(DA)(DT)(DG)(DT)(DG)(DC)
(DC)(DT)(DT)(DG)
;
B
3 'polypeptide(L)'
;MGSSHHHHHHSSGLVPRGSHMTTAGPPVKGRATRQRAAVSAALQEVEEFRSAQELHDMLKHKGDAVGLTTVYRTLQSLAD
AGEVDVLRTAEGESVYRRCSTGDHHHHLVCRACGKAVEVEGPAVEKWAEAIAAEHGYVNVAHTVEIFGTCADCAGASGG
;
G,H,K,L,M,N
#
loop_
_chem_comp.id
_chem_comp.type
_chem_comp.name
_chem_comp.formula
DA DNA linking 2'-DEOXYADENOSINE-5'-MONOPHOSPHATE 'C10 H14 N5 O6 P'
DC DNA linking 2'-DEOXYCYTIDINE-5'-MONOPHOSPHATE 'C9 H14 N3 O7 P'
DG DNA linking 2'-DEOXYGUANOSINE-5'-MONOPHOSPHATE 'C10 H14 N5 O7 P'
DT DNA linking THYMIDINE-5'-MONOPHOSPHATE 'C10 H15 N2 O8 P'
ZN non-polymer 'ZINC ION' 'Zn 2'
#
# COMPACT_ATOMS: atom_id res chain seq x y z
N PRO C 26 -19.35 8.15 -2.62
CA PRO C 26 -18.60 6.88 -2.70
C PRO C 26 -17.77 6.62 -1.45
N PRO C 27 -18.39 6.05 -0.42
CA PRO C 27 -17.63 5.71 0.80
C PRO C 27 -16.56 4.66 0.51
N VAL C 28 -15.43 4.81 1.19
CA VAL C 28 -14.32 3.86 1.07
C VAL C 28 -14.22 3.06 2.37
N LYS C 29 -14.08 1.74 2.25
CA LYS C 29 -14.23 0.85 3.39
C LYS C 29 -13.16 1.07 4.46
N GLY C 30 -12.08 1.77 4.15
CA GLY C 30 -11.06 2.07 5.13
C GLY C 30 -11.49 3.15 6.10
N ARG C 31 -10.58 3.46 7.02
CA ARG C 31 -10.86 4.47 8.04
C ARG C 31 -10.96 5.85 7.40
N ALA C 32 -11.94 6.63 7.86
CA ALA C 32 -12.27 7.91 7.23
C ALA C 32 -11.07 8.86 7.25
N THR C 33 -10.80 9.47 6.10
CA THR C 33 -9.67 10.38 5.98
C THR C 33 -9.93 11.35 4.85
N ARG C 34 -9.21 12.47 4.87
CA ARG C 34 -9.49 13.55 3.94
C ARG C 34 -9.08 13.23 2.51
N GLN C 35 -8.08 12.37 2.30
CA GLN C 35 -7.74 11.97 0.94
C GLN C 35 -8.86 11.15 0.32
N ARG C 36 -9.40 10.20 1.06
CA ARG C 36 -10.56 9.45 0.58
C ARG C 36 -11.74 10.37 0.33
N ALA C 37 -11.99 11.31 1.25
CA ALA C 37 -13.12 12.23 1.06
C ALA C 37 -12.94 13.05 -0.21
N ALA C 38 -11.73 13.57 -0.45
CA ALA C 38 -11.49 14.38 -1.64
C ALA C 38 -11.64 13.57 -2.91
N VAL C 39 -11.10 12.34 -2.94
CA VAL C 39 -11.21 11.53 -4.14
C VAL C 39 -12.67 11.16 -4.42
N SER C 40 -13.42 10.81 -3.38
CA SER C 40 -14.83 10.51 -3.57
C SER C 40 -15.61 11.71 -4.08
N ALA C 41 -15.33 12.90 -3.54
CA ALA C 41 -16.00 14.10 -4.03
C ALA C 41 -15.64 14.39 -5.48
N ALA C 42 -14.37 14.17 -5.85
CA ALA C 42 -13.96 14.39 -7.23
C ALA C 42 -14.69 13.46 -8.18
N LEU C 43 -14.84 12.19 -7.79
CA LEU C 43 -15.67 11.28 -8.60
C LEU C 43 -17.11 11.75 -8.65
N GLN C 44 -17.63 12.29 -7.54
CA GLN C 44 -19.02 12.73 -7.51
C GLN C 44 -19.27 13.87 -8.49
N GLU C 45 -18.36 14.84 -8.56
CA GLU C 45 -18.60 16.01 -9.40
C GLU C 45 -18.60 15.65 -10.88
N VAL C 46 -17.72 14.76 -11.31
CA VAL C 46 -17.55 14.43 -12.71
C VAL C 46 -18.41 13.23 -13.06
N GLU C 47 -18.95 13.22 -14.28
CA GLU C 47 -19.80 12.13 -14.75
C GLU C 47 -19.22 11.43 -15.99
N GLU C 48 -17.96 11.68 -16.32
CA GLU C 48 -17.33 11.10 -17.50
C GLU C 48 -16.33 10.03 -17.08
N PHE C 49 -15.99 9.16 -18.04
CA PHE C 49 -14.98 8.13 -17.81
C PHE C 49 -13.60 8.77 -17.85
N ARG C 50 -12.97 8.89 -16.69
CA ARG C 50 -11.68 9.56 -16.57
C ARG C 50 -10.64 8.61 -16.01
N SER C 51 -9.43 8.67 -16.56
CA SER C 51 -8.35 7.80 -16.16
C SER C 51 -7.82 8.18 -14.78
N ALA C 52 -6.99 7.31 -14.21
CA ALA C 52 -6.38 7.62 -12.92
C ALA C 52 -5.42 8.79 -13.01
N GLN C 53 -4.62 8.84 -14.10
CA GLN C 53 -3.65 9.92 -14.25
C GLN C 53 -4.33 11.28 -14.40
N GLU C 54 -5.38 11.35 -15.22
CA GLU C 54 -6.01 12.65 -15.41
C GLU C 54 -6.82 13.04 -14.18
N LEU C 55 -7.37 12.04 -13.48
CA LEU C 55 -8.06 12.33 -12.22
C LEU C 55 -7.10 12.92 -11.21
N HIS C 56 -5.88 12.36 -11.11
CA HIS C 56 -4.88 12.97 -10.24
C HIS C 56 -4.51 14.36 -10.72
N ASP C 57 -4.46 14.57 -12.04
CA ASP C 57 -4.13 15.89 -12.57
C ASP C 57 -5.18 16.94 -12.17
N MET C 58 -6.46 16.59 -12.27
CA MET C 58 -7.49 17.56 -11.89
C MET C 58 -7.54 17.76 -10.38
N LEU C 59 -7.25 16.71 -9.61
CA LEU C 59 -7.11 16.91 -8.16
C LEU C 59 -5.95 17.84 -7.85
N LYS C 60 -4.84 17.72 -8.58
CA LYS C 60 -3.69 18.57 -8.36
C LYS C 60 -3.99 20.01 -8.69
N HIS C 61 -4.63 20.26 -9.83
CA HIS C 61 -4.92 21.63 -10.24
C HIS C 61 -6.09 22.25 -9.49
N LYS C 62 -6.95 21.42 -8.88
CA LYS C 62 -8.08 21.97 -8.13
C LYS C 62 -7.64 22.51 -6.78
N GLY C 63 -6.71 21.82 -6.12
CA GLY C 63 -6.18 22.26 -4.84
C GLY C 63 -6.18 21.21 -3.74
N ASP C 64 -6.85 20.07 -3.93
CA ASP C 64 -6.84 19.04 -2.89
C ASP C 64 -5.45 18.47 -2.69
N ALA C 65 -4.72 18.22 -3.78
CA ALA C 65 -3.31 17.81 -3.73
C ALA C 65 -3.14 16.50 -2.97
N VAL C 66 -3.67 15.43 -3.56
CA VAL C 66 -3.42 14.09 -3.07
C VAL C 66 -2.41 13.41 -4.00
N GLY C 67 -1.77 12.36 -3.49
CA GLY C 67 -0.78 11.65 -4.27
C GLY C 67 -1.40 10.80 -5.35
N LEU C 68 -0.54 10.22 -6.19
CA LEU C 68 -1.02 9.39 -7.29
C LEU C 68 -1.22 7.95 -6.86
N THR C 69 -0.34 7.42 -6.02
CA THR C 69 -0.52 6.05 -5.53
C THR C 69 -1.77 5.95 -4.66
N THR C 70 -2.12 7.02 -3.95
CA THR C 70 -3.37 7.01 -3.21
C THR C 70 -4.56 6.97 -4.16
N VAL C 71 -4.46 7.65 -5.31
CA VAL C 71 -5.55 7.62 -6.28
C VAL C 71 -5.71 6.22 -6.86
N TYR C 72 -4.61 5.61 -7.31
CA TYR C 72 -4.63 4.18 -7.60
C TYR C 72 -5.32 3.35 -6.53
N ARG C 73 -4.86 3.45 -5.29
CA ARG C 73 -5.34 2.52 -4.26
C ARG C 73 -6.81 2.72 -3.98
N THR C 74 -7.26 3.98 -3.84
CA THR C 74 -8.67 4.22 -3.55
C THR C 74 -9.56 3.83 -4.72
N LEU C 75 -9.12 4.12 -5.96
CA LEU C 75 -9.93 3.74 -7.12
C LEU C 75 -10.03 2.23 -7.23
N GLN C 76 -8.93 1.52 -7.01
CA GLN C 76 -8.97 0.06 -7.07
C GLN C 76 -9.87 -0.51 -5.99
N SER C 77 -9.80 0.04 -4.78
CA SER C 77 -10.65 -0.47 -3.71
C SER C 77 -12.12 -0.18 -3.98
N LEU C 78 -12.42 1.01 -4.51
CA LEU C 78 -13.81 1.34 -4.88
C LEU C 78 -14.32 0.41 -5.98
N ALA C 79 -13.48 0.13 -6.98
CA ALA C 79 -13.87 -0.78 -8.04
C ALA C 79 -14.11 -2.18 -7.49
N ASP C 80 -13.26 -2.64 -6.56
CA ASP C 80 -13.47 -3.94 -5.95
C ASP C 80 -14.76 -3.97 -5.15
N ALA C 81 -15.09 -2.87 -4.47
CA ALA C 81 -16.32 -2.82 -3.69
C ALA C 81 -17.54 -2.64 -4.57
N GLY C 82 -17.36 -2.21 -5.81
CA GLY C 82 -18.44 -2.07 -6.75
C GLY C 82 -19.12 -0.73 -6.78
N GLU C 83 -18.53 0.30 -6.18
CA GLU C 83 -19.16 1.63 -6.16
C GLU C 83 -19.01 2.35 -7.50
N VAL C 84 -17.94 2.06 -8.25
CA VAL C 84 -17.72 2.69 -9.54
C VAL C 84 -17.50 1.60 -10.59
N ASP C 85 -17.81 1.93 -11.83
CA ASP C 85 -17.70 1.00 -12.94
C ASP C 85 -16.47 1.33 -13.77
N VAL C 86 -15.77 0.28 -14.21
CA VAL C 86 -14.49 0.42 -14.89
C VAL C 86 -14.66 0.02 -16.35
N LEU C 87 -13.92 0.71 -17.22
CA LEU C 87 -13.95 0.43 -18.65
C LEU C 87 -12.52 0.40 -19.16
N ARG C 88 -12.24 -0.52 -20.07
CA ARG C 88 -10.93 -0.65 -20.69
C ARG C 88 -10.98 -0.05 -22.10
N THR C 89 -10.18 0.99 -22.33
CA THR C 89 -10.16 1.64 -23.62
C THR C 89 -9.29 0.86 -24.60
N ALA C 90 -9.43 1.17 -25.89
CA ALA C 90 -8.69 0.44 -26.92
C ALA C 90 -7.19 0.64 -26.79
N GLU C 91 -6.77 1.78 -26.23
CA GLU C 91 -5.34 2.03 -26.06
C GLU C 91 -4.71 1.03 -25.10
N GLY C 92 -5.39 0.73 -24.01
CA GLY C 92 -4.86 -0.16 -22.98
C GLY C 92 -4.95 0.39 -21.57
N GLU C 93 -5.53 1.56 -21.38
CA GLU C 93 -5.71 2.14 -20.05
C GLU C 93 -7.14 1.89 -19.57
N SER C 94 -7.37 2.17 -18.30
CA SER C 94 -8.69 2.00 -17.68
C SER C 94 -9.22 3.36 -17.24
N VAL C 95 -10.55 3.48 -17.28
CA VAL C 95 -11.24 4.74 -16.98
C VAL C 95 -12.38 4.45 -16.01
N TYR C 96 -12.62 5.38 -15.10
CA TYR C 96 -13.57 5.20 -14.00
C TYR C 96 -14.65 6.26 -14.04
N ARG C 97 -15.79 5.95 -13.40
CA ARG C 97 -16.94 6.85 -13.37
C ARG C 97 -17.94 6.33 -12.35
N ARG C 98 -18.59 7.25 -11.65
CA ARG C 98 -19.59 6.91 -10.64
C ARG C 98 -20.96 6.90 -11.30
N CYS C 99 -21.46 5.70 -11.63
CA CYS C 99 -22.73 5.55 -12.32
C CYS C 99 -23.88 5.93 -11.41
N SER C 100 -24.90 6.58 -12.00
CA SER C 100 -26.03 7.05 -11.21
C SER C 100 -26.83 5.88 -10.63
N THR C 101 -27.04 4.83 -11.40
CA THR C 101 -27.84 3.70 -10.98
C THR C 101 -26.95 2.53 -10.62
N GLY C 102 -27.22 1.90 -9.47
CA GLY C 102 -26.46 0.73 -9.05
C GLY C 102 -26.85 -0.55 -9.74
N ASP C 103 -27.95 -0.55 -10.49
CA ASP C 103 -28.39 -1.75 -11.18
C ASP C 103 -27.44 -2.07 -12.34
N HIS C 104 -27.37 -3.36 -12.68
CA HIS C 104 -26.52 -3.80 -13.78
C HIS C 104 -26.95 -3.14 -15.08
N HIS C 105 -25.98 -2.62 -15.82
CA HIS C 105 -26.27 -1.83 -17.02
C HIS C 105 -25.03 -1.82 -17.90
N HIS C 106 -25.22 -1.36 -19.14
CA HIS C 106 -24.13 -1.14 -20.07
C HIS C 106 -24.10 0.33 -20.47
N HIS C 107 -23.02 0.74 -21.12
CA HIS C 107 -22.71 2.15 -21.30
C HIS C 107 -22.53 2.49 -22.78
N LEU C 108 -23.07 3.64 -23.17
CA LEU C 108 -22.79 4.26 -24.47
C LEU C 108 -21.81 5.40 -24.25
N VAL C 109 -20.66 5.34 -24.93
CA VAL C 109 -19.57 6.26 -24.66
C VAL C 109 -19.14 6.94 -25.95
N CYS C 110 -18.58 8.15 -25.81
CA CYS C 110 -18.06 8.95 -26.91
C CYS C 110 -16.58 9.21 -26.66
N ARG C 111 -15.73 8.77 -27.60
CA ARG C 111 -14.30 9.01 -27.42
C ARG C 111 -13.96 10.48 -27.50
N ALA C 112 -14.69 11.25 -28.30
CA ALA C 112 -14.40 12.67 -28.46
C ALA C 112 -14.81 13.51 -27.25
N CYS C 113 -15.80 13.07 -26.49
CA CYS C 113 -16.29 13.83 -25.35
C CYS C 113 -16.16 13.12 -24.01
N GLY C 114 -16.16 11.79 -23.99
CA GLY C 114 -16.13 11.05 -22.75
C GLY C 114 -17.48 10.88 -22.09
N LYS C 115 -18.55 11.42 -22.67
CA LYS C 115 -19.87 11.28 -22.08
C LYS C 115 -20.33 9.83 -22.15
N ALA C 116 -20.97 9.38 -21.07
CA ALA C 116 -21.47 8.02 -20.97
C ALA C 116 -22.91 8.05 -20.50
N VAL C 117 -23.76 7.26 -21.15
CA VAL C 117 -25.16 7.12 -20.76
C VAL C 117 -25.44 5.63 -20.54
N GLU C 118 -26.26 5.35 -19.53
CA GLU C 118 -26.53 3.97 -19.15
C GLU C 118 -27.67 3.39 -19.97
N VAL C 119 -27.49 2.16 -20.45
CA VAL C 119 -28.51 1.48 -21.23
C VAL C 119 -28.60 0.03 -20.75
N GLU C 120 -29.82 -0.50 -20.70
CA GLU C 120 -30.07 -1.87 -20.29
C GLU C 120 -31.02 -2.52 -21.28
N GLY C 121 -30.69 -3.75 -21.67
CA GLY C 121 -31.52 -4.52 -22.57
C GLY C 121 -31.68 -5.96 -22.12
N PRO C 122 -32.93 -6.37 -21.86
CA PRO C 122 -33.16 -7.77 -21.50
C PRO C 122 -32.83 -8.74 -22.62
N ALA C 123 -32.90 -8.31 -23.88
CA ALA C 123 -32.69 -9.21 -25.00
C ALA C 123 -31.27 -9.76 -25.01
N VAL C 124 -30.28 -8.89 -24.80
CA VAL C 124 -28.89 -9.34 -24.81
C VAL C 124 -28.62 -10.26 -23.63
N GLU C 125 -29.24 -10.00 -22.48
CA GLU C 125 -29.11 -10.90 -21.35
C GLU C 125 -29.66 -12.29 -21.67
N LYS C 126 -30.88 -12.34 -22.20
CA LYS C 126 -31.49 -13.61 -22.54
C LYS C 126 -30.63 -14.35 -23.57
N TRP C 127 -30.07 -13.62 -24.52
CA TRP C 127 -29.14 -14.22 -25.48
C TRP C 127 -27.93 -14.79 -24.77
N ALA C 128 -27.41 -14.07 -23.76
CA ALA C 128 -26.23 -14.52 -23.05
C ALA C 128 -26.47 -15.85 -22.35
N GLU C 129 -27.53 -15.94 -21.54
CA GLU C 129 -27.79 -17.23 -20.90
C GLU C 129 -28.23 -18.30 -21.89
N ALA C 130 -28.87 -17.92 -23.01
CA ALA C 130 -29.20 -18.92 -24.02
C ALA C 130 -27.94 -19.55 -24.60
N ILE C 131 -26.96 -18.72 -24.96
CA ILE C 131 -25.70 -19.23 -25.49
C ILE C 131 -24.98 -20.05 -24.43
N ALA C 132 -24.96 -19.57 -23.19
CA ALA C 132 -24.29 -20.31 -22.12
C ALA C 132 -24.92 -21.69 -21.93
N ALA C 133 -26.25 -21.76 -21.96
CA ALA C 133 -26.94 -23.04 -21.81
C ALA C 133 -26.66 -23.96 -22.99
N GLU C 134 -26.69 -23.43 -24.22
CA GLU C 134 -26.51 -24.31 -25.37
C GLU C 134 -25.07 -24.74 -25.55
N HIS C 135 -24.11 -24.06 -24.91
CA HIS C 135 -22.76 -24.60 -24.81
C HIS C 135 -22.53 -25.37 -23.51
N GLY C 136 -23.50 -25.37 -22.60
CA GLY C 136 -23.39 -26.18 -21.39
C GLY C 136 -22.46 -25.64 -20.34
N TYR C 137 -21.99 -24.40 -20.47
CA TYR C 137 -21.10 -23.83 -19.45
C TYR C 137 -21.87 -23.56 -18.17
N VAL C 138 -21.14 -23.63 -17.05
CA VAL C 138 -21.78 -23.47 -15.74
C VAL C 138 -22.25 -22.03 -15.55
N ASN C 139 -21.32 -21.07 -15.56
CA ASN C 139 -21.64 -19.67 -15.42
C ASN C 139 -20.77 -18.85 -16.36
N VAL C 140 -21.30 -17.70 -16.79
CA VAL C 140 -20.63 -16.85 -17.76
C VAL C 140 -20.66 -15.42 -17.27
N ALA C 141 -19.72 -14.62 -17.77
CA ALA C 141 -19.66 -13.18 -17.52
C ALA C 141 -19.62 -12.47 -18.86
N HIS C 142 -20.56 -11.55 -19.08
CA HIS C 142 -20.69 -10.84 -20.33
C HIS C 142 -20.17 -9.41 -20.17
N THR C 143 -19.31 -9.00 -21.10
CA THR C 143 -18.78 -7.63 -21.14
C THR C 143 -19.19 -7.02 -22.47
N VAL C 144 -20.17 -6.13 -22.43
CA VAL C 144 -20.70 -5.48 -23.63
C VAL C 144 -20.45 -3.99 -23.51
N GLU C 145 -19.64 -3.46 -24.43
CA GLU C 145 -19.35 -2.03 -24.50
C GLU C 145 -19.67 -1.55 -25.92
N ILE C 146 -20.41 -0.46 -26.01
CA ILE C 146 -20.80 0.13 -27.29
C ILE C 146 -20.10 1.48 -27.43
N PHE C 147 -19.43 1.69 -28.57
CA PHE C 147 -18.66 2.95 -28.77
C PHE C 147 -19.27 3.71 -29.95
N GLY C 148 -19.43 5.03 -29.82
CA GLY C 148 -20.08 5.82 -30.88
C GLY C 148 -19.66 7.28 -30.89
N THR C 149 -20.01 8.03 -31.95
CA THR C 149 -19.70 9.47 -32.04
C THR C 149 -21.01 10.27 -31.97
N CYS C 150 -21.06 11.32 -31.13
CA CYS C 150 -22.31 12.10 -30.94
C CYS C 150 -22.66 12.88 -32.22
N ALA C 151 -23.95 13.16 -32.43
CA ALA C 151 -24.36 13.98 -33.60
C ALA C 151 -23.76 15.39 -33.46
N ASP C 152 -23.74 15.93 -32.23
CA ASP C 152 -23.16 17.28 -31.98
C ASP C 152 -21.68 17.25 -32.34
N CYS C 153 -20.98 16.14 -32.03
CA CYS C 153 -19.54 16.02 -32.35
C CYS C 153 -19.34 16.07 -33.87
N ALA C 154 -20.23 15.42 -34.64
CA ALA C 154 -20.13 15.43 -36.11
C ALA C 154 -20.29 16.87 -36.61
N GLY C 155 -21.21 17.64 -36.02
CA GLY C 155 -21.39 19.06 -36.40
C GLY C 155 -20.16 19.88 -36.08
N ALA C 156 -19.78 20.80 -36.97
CA ALA C 156 -18.59 21.64 -36.76
C ALA C 156 -18.89 23.08 -37.17
N PRO D 26 -2.71 -16.89 -47.69
CA PRO D 26 -2.80 -15.77 -46.76
C PRO D 26 -1.99 -14.56 -47.22
N PRO D 27 -2.49 -13.83 -48.22
CA PRO D 27 -1.74 -12.68 -48.73
C PRO D 27 -1.60 -11.59 -47.68
N VAL D 28 -0.46 -10.90 -47.73
CA VAL D 28 -0.17 -9.78 -46.85
C VAL D 28 0.14 -8.57 -47.72
N LYS D 29 -0.03 -7.37 -47.14
CA LYS D 29 0.14 -6.14 -47.91
C LYS D 29 1.53 -6.04 -48.52
N GLY D 30 2.56 -6.52 -47.82
CA GLY D 30 3.91 -6.46 -48.32
C GLY D 30 4.25 -7.60 -49.25
N ARG D 31 5.50 -7.61 -49.69
CA ARG D 31 5.98 -8.67 -50.56
C ARG D 31 6.04 -10.00 -49.80
N ALA D 32 5.66 -11.07 -50.49
CA ALA D 32 5.62 -12.38 -49.87
C ALA D 32 7.03 -12.85 -49.54
N THR D 33 7.17 -13.48 -48.37
CA THR D 33 8.44 -14.04 -47.94
C THR D 33 8.19 -15.27 -47.10
N ARG D 34 9.24 -16.10 -46.96
CA ARG D 34 9.11 -17.34 -46.22
C ARG D 34 8.75 -17.10 -44.77
N GLN D 35 9.22 -15.99 -44.18
CA GLN D 35 8.92 -15.70 -42.78
C GLN D 35 7.42 -15.47 -42.58
N ARG D 36 6.84 -14.59 -43.40
CA ARG D 36 5.41 -14.31 -43.27
C ARG D 36 4.58 -15.51 -43.67
N ALA D 37 5.03 -16.29 -44.64
CA ALA D 37 4.34 -17.53 -44.97
C ALA D 37 4.33 -18.48 -43.79
N ALA D 38 5.47 -18.59 -43.09
CA ALA D 38 5.56 -19.47 -41.93
C ALA D 38 4.65 -19.00 -40.81
N VAL D 39 4.61 -17.69 -40.55
CA VAL D 39 3.75 -17.21 -39.46
C VAL D 39 2.28 -17.40 -39.83
N SER D 40 1.93 -17.21 -41.11
CA SER D 40 0.56 -17.47 -41.54
C SER D 40 0.19 -18.93 -41.36
N ALA D 41 1.10 -19.83 -41.73
CA ALA D 41 0.84 -21.25 -41.53
C ALA D 41 0.67 -21.58 -40.05
N ALA D 42 1.55 -21.02 -39.20
CA ALA D 42 1.46 -21.28 -37.78
C ALA D 42 0.14 -20.82 -37.20
N LEU D 43 -0.34 -19.64 -37.64
CA LEU D 43 -1.69 -19.23 -37.28
C LEU D 43 -2.73 -20.18 -37.86
N GLN D 44 -2.45 -20.81 -39.00
CA GLN D 44 -3.41 -21.71 -39.61
C GLN D 44 -3.63 -22.96 -38.76
N GLU D 45 -2.53 -23.61 -38.32
CA GLU D 45 -2.71 -24.85 -37.56
C GLU D 45 -3.36 -24.58 -36.21
N VAL D 46 -2.90 -23.56 -35.50
CA VAL D 46 -3.37 -23.31 -34.15
C VAL D 46 -4.72 -22.60 -34.20
N GLU D 47 -5.68 -23.11 -33.45
CA GLU D 47 -7.03 -22.56 -33.39
C GLU D 47 -7.34 -21.87 -32.07
N GLU D 48 -6.32 -21.55 -31.27
CA GLU D 48 -6.48 -20.96 -29.95
C GLU D 48 -5.94 -19.53 -29.94
N PHE D 49 -6.49 -18.70 -29.06
CA PHE D 49 -5.90 -17.40 -28.78
C PHE D 49 -4.46 -17.57 -28.29
N ARG D 50 -3.52 -17.10 -29.10
CA ARG D 50 -2.10 -17.10 -28.76
C ARG D 50 -1.59 -15.66 -28.80
N SER D 51 -0.85 -15.28 -27.76
CA SER D 51 -0.19 -13.99 -27.77
C SER D 51 1.02 -14.03 -28.70
N ALA D 52 1.54 -12.84 -29.00
CA ALA D 52 2.67 -12.74 -29.93
C ALA D 52 3.91 -13.45 -29.38
N GLN D 53 4.17 -13.30 -28.08
CA GLN D 53 5.37 -13.88 -27.50
C GLN D 53 5.32 -15.41 -27.54
N GLU D 54 4.21 -16.00 -27.12
CA GLU D 54 4.11 -17.46 -27.14
C GLU D 54 4.05 -17.99 -28.57
N LEU D 55 3.44 -17.23 -29.49
CA LEU D 55 3.46 -17.63 -30.89
C LEU D 55 4.90 -17.66 -31.42
N HIS D 56 5.69 -16.65 -31.08
CA HIS D 56 7.09 -16.63 -31.51
C HIS D 56 7.86 -17.79 -30.88
N ASP D 57 7.58 -18.09 -29.61
CA ASP D 57 8.25 -19.22 -28.96
C ASP D 57 7.92 -20.52 -29.66
N MET D 58 6.65 -20.73 -30.00
CA MET D 58 6.25 -21.94 -30.70
C MET D 58 6.91 -22.01 -32.08
N LEU D 59 6.95 -20.87 -32.79
CA LEU D 59 7.57 -20.86 -34.11
C LEU D 59 9.05 -21.17 -34.03
N LYS D 60 9.74 -20.64 -33.01
CA LYS D 60 11.14 -20.96 -32.81
C LYS D 60 11.32 -22.43 -32.48
N HIS D 61 10.41 -22.99 -31.68
CA HIS D 61 10.45 -24.42 -31.41
C HIS D 61 10.28 -25.24 -32.69
N LYS D 62 9.51 -24.71 -33.65
CA LYS D 62 9.39 -25.38 -34.93
C LYS D 62 10.72 -25.41 -35.68
N GLY D 63 11.48 -24.32 -35.62
CA GLY D 63 12.81 -24.28 -36.21
C GLY D 63 13.03 -23.19 -37.25
N ASP D 64 12.03 -22.36 -37.54
CA ASP D 64 12.22 -21.31 -38.53
C ASP D 64 13.10 -20.18 -37.99
N ALA D 65 13.01 -19.89 -36.69
CA ALA D 65 13.84 -18.89 -36.03
C ALA D 65 13.66 -17.50 -36.66
N VAL D 66 12.42 -17.02 -36.65
CA VAL D 66 12.12 -15.69 -37.17
C VAL D 66 12.22 -14.68 -36.04
N GLY D 67 12.62 -13.45 -36.39
CA GLY D 67 12.79 -12.42 -35.38
C GLY D 67 11.49 -12.04 -34.70
N LEU D 68 11.61 -11.60 -33.45
CA LEU D 68 10.43 -11.27 -32.66
C LEU D 68 9.74 -10.02 -33.18
N THR D 69 10.51 -8.99 -33.53
CA THR D 69 9.91 -7.76 -34.05
C THR D 69 9.17 -8.03 -35.36
N THR D 70 9.72 -8.91 -36.20
CA THR D 70 9.02 -9.27 -37.44
C THR D 70 7.69 -9.92 -37.15
N VAL D 71 7.64 -10.82 -36.16
CA VAL D 71 6.38 -11.45 -35.77
C VAL D 71 5.40 -10.39 -35.28
N TYR D 72 5.88 -9.44 -34.46
CA TYR D 72 5.01 -8.38 -33.97
C TYR D 72 4.40 -7.60 -35.13
N ARG D 73 5.22 -7.16 -36.09
CA ARG D 73 4.70 -6.30 -37.14
C ARG D 73 3.81 -7.08 -38.10
N THR D 74 4.14 -8.34 -38.38
CA THR D 74 3.30 -9.11 -39.29
C THR D 74 1.96 -9.45 -38.63
N LEU D 75 1.95 -9.70 -37.33
CA LEU D 75 0.68 -9.90 -36.63
C LEU D 75 -0.15 -8.63 -36.65
N GLN D 76 0.48 -7.48 -36.43
CA GLN D 76 -0.23 -6.21 -36.49
C GLN D 76 -0.83 -5.99 -37.88
N SER D 77 -0.06 -6.27 -38.92
CA SER D 77 -0.55 -6.10 -40.29
C SER D 77 -1.71 -7.05 -40.58
N LEU D 78 -1.60 -8.31 -40.15
CA LEU D 78 -2.68 -9.26 -40.38
C LEU D 78 -3.95 -8.84 -39.65
N ALA D 79 -3.82 -8.37 -38.40
CA ALA D 79 -4.98 -7.89 -37.67
C ALA D 79 -5.60 -6.68 -38.35
N ASP D 80 -4.77 -5.77 -38.87
CA ASP D 80 -5.28 -4.62 -39.60
C ASP D 80 -6.05 -5.07 -40.84
N ALA D 81 -5.51 -6.05 -41.57
CA ALA D 81 -6.16 -6.53 -42.78
C ALA D 81 -7.48 -7.24 -42.50
N GLY D 82 -7.76 -7.60 -41.25
CA GLY D 82 -9.00 -8.24 -40.89
C GLY D 82 -8.99 -9.75 -40.95
N GLU D 83 -7.87 -10.36 -41.36
CA GLU D 83 -7.82 -11.82 -41.43
C GLU D 83 -7.78 -12.44 -40.04
N VAL D 84 -7.30 -11.70 -39.05
CA VAL D 84 -7.14 -12.19 -37.68
C VAL D 84 -7.87 -11.25 -36.73
N ASP D 85 -8.65 -11.85 -35.83
CA ASP D 85 -9.39 -11.09 -34.81
C ASP D 85 -8.54 -10.95 -33.56
N VAL D 86 -8.69 -9.83 -32.87
CA VAL D 86 -7.87 -9.50 -31.70
C VAL D 86 -8.75 -9.49 -30.46
N LEU D 87 -8.12 -9.81 -29.33
CA LEU D 87 -8.79 -9.74 -28.04
C LEU D 87 -7.79 -9.29 -26.97
N ARG D 88 -8.21 -8.35 -26.14
CA ARG D 88 -7.39 -7.84 -25.05
C ARG D 88 -7.77 -8.56 -23.76
N THR D 89 -6.82 -9.28 -23.16
CA THR D 89 -7.11 -10.07 -21.98
C THR D 89 -7.09 -9.17 -20.74
N ALA D 90 -7.31 -9.78 -19.58
CA ALA D 90 -7.29 -9.03 -18.32
C ALA D 90 -5.90 -8.51 -18.03
N GLU D 91 -4.86 -9.32 -18.30
CA GLU D 91 -3.49 -8.87 -18.07
C GLU D 91 -3.14 -7.67 -18.95
N GLY D 92 -3.55 -7.70 -20.21
CA GLY D 92 -3.28 -6.62 -21.15
C GLY D 92 -2.68 -7.08 -22.46
N GLU D 93 -2.09 -8.28 -22.51
CA GLU D 93 -1.53 -8.80 -23.75
C GLU D 93 -2.64 -9.12 -24.74
N SER D 94 -2.34 -8.93 -26.02
CA SER D 94 -3.30 -9.14 -27.09
C SER D 94 -3.06 -10.50 -27.74
N VAL D 95 -4.14 -11.26 -27.92
CA VAL D 95 -4.08 -12.61 -28.47
C VAL D 95 -4.65 -12.62 -29.88
N TYR D 96 -4.10 -13.47 -30.73
CA TYR D 96 -4.46 -13.52 -32.15
C TYR D 96 -4.73 -14.95 -32.57
N ARG D 97 -5.81 -15.14 -33.34
CA ARG D 97 -5.99 -16.36 -34.12
C ARG D 97 -6.90 -16.07 -35.30
N ARG D 98 -6.83 -16.92 -36.32
CA ARG D 98 -7.67 -16.77 -37.50
C ARG D 98 -9.01 -17.48 -37.28
N CYS D 99 -10.09 -16.84 -37.71
CA CYS D 99 -11.42 -17.42 -37.65
C CYS D 99 -11.80 -17.95 -39.03
N SER D 100 -12.39 -19.14 -39.08
CA SER D 100 -12.71 -19.77 -40.35
C SER D 100 -13.71 -18.95 -41.15
N THR D 101 -14.74 -18.43 -40.50
CA THR D 101 -15.79 -17.67 -41.18
C THR D 101 -15.40 -16.21 -41.28
N GLY D 102 -15.47 -15.65 -42.49
CA GLY D 102 -15.15 -14.26 -42.69
C GLY D 102 -16.24 -13.29 -42.24
N ASP D 103 -17.42 -13.80 -41.93
CA ASP D 103 -18.51 -12.95 -41.49
C ASP D 103 -18.25 -12.43 -40.07
N HIS D 104 -18.84 -11.26 -39.78
CA HIS D 104 -18.71 -10.68 -38.44
C HIS D 104 -19.28 -11.61 -37.39
N HIS D 105 -18.50 -11.83 -36.34
CA HIS D 105 -19.02 -12.66 -35.24
C HIS D 105 -18.25 -12.34 -33.96
N HIS D 106 -18.72 -12.91 -32.87
CA HIS D 106 -18.11 -12.76 -31.55
C HIS D 106 -17.65 -14.11 -31.04
N HIS D 107 -16.57 -14.10 -30.26
CA HIS D 107 -15.88 -15.32 -29.87
C HIS D 107 -16.12 -15.64 -28.41
N LEU D 108 -16.39 -16.92 -28.14
CA LEU D 108 -16.49 -17.45 -26.78
C LEU D 108 -15.17 -18.10 -26.40
N VAL D 109 -14.65 -17.75 -25.23
CA VAL D 109 -13.32 -18.18 -24.82
C VAL D 109 -13.40 -18.81 -23.44
N CYS D 110 -12.52 -19.78 -23.20
CA CYS D 110 -12.35 -20.44 -21.92
C CYS D 110 -10.95 -20.18 -21.42
N ARG D 111 -10.84 -19.64 -20.19
CA ARG D 111 -9.52 -19.34 -19.65
C ARG D 111 -8.72 -20.60 -19.38
N ALA D 112 -9.38 -21.67 -18.95
CA ALA D 112 -8.68 -22.89 -18.60
C ALA D 112 -8.30 -23.72 -19.83
N CYS D 113 -8.88 -23.44 -20.99
CA CYS D 113 -8.60 -24.24 -22.18
C CYS D 113 -8.16 -23.39 -23.36
N GLY D 114 -8.72 -22.20 -23.49
CA GLY D 114 -8.46 -21.35 -24.63
C GLY D 114 -9.29 -21.64 -25.85
N LYS D 115 -10.24 -22.58 -25.76
CA LYS D 115 -11.06 -22.92 -26.91
C LYS D 115 -11.92 -21.73 -27.33
N ALA D 116 -12.00 -21.51 -28.64
CA ALA D 116 -12.74 -20.40 -29.21
C ALA D 116 -13.75 -20.94 -30.21
N VAL D 117 -15.00 -20.51 -30.09
CA VAL D 117 -16.07 -20.91 -30.99
C VAL D 117 -16.75 -19.66 -31.53
N GLU D 118 -17.06 -19.67 -32.82
CA GLU D 118 -17.67 -18.52 -33.48
C GLU D 118 -19.17 -18.50 -33.17
N VAL D 119 -19.63 -17.41 -32.56
CA VAL D 119 -21.03 -17.24 -32.20
C VAL D 119 -21.51 -15.89 -32.74
N GLU D 120 -22.65 -15.89 -33.42
CA GLU D 120 -23.23 -14.67 -33.97
C GLU D 120 -24.71 -14.61 -33.63
N GLY D 121 -25.21 -13.39 -33.44
CA GLY D 121 -26.62 -13.18 -33.15
C GLY D 121 -27.10 -11.82 -33.61
N PRO D 122 -28.17 -11.80 -34.40
CA PRO D 122 -28.72 -10.52 -34.86
C PRO D 122 -29.34 -9.68 -33.77
N ALA D 123 -29.68 -10.29 -32.62
CA ALA D 123 -30.36 -9.54 -31.56
C ALA D 123 -29.48 -8.42 -31.02
N VAL D 124 -28.20 -8.69 -30.80
CA VAL D 124 -27.30 -7.66 -30.27
C VAL D 124 -27.09 -6.57 -31.31
N GLU D 125 -27.04 -6.94 -32.58
CA GLU D 125 -26.92 -5.94 -33.64
C GLU D 125 -28.12 -5.00 -33.65
N LYS D 126 -29.33 -5.58 -33.55
CA LYS D 126 -30.54 -4.77 -33.53
C LYS D 126 -30.57 -3.88 -32.29
N TRP D 127 -30.16 -4.42 -31.14
CA TRP D 127 -30.15 -3.63 -29.91
C TRP D 127 -29.19 -2.45 -30.01
N ALA D 128 -27.98 -2.70 -30.52
CA ALA D 128 -27.00 -1.63 -30.67
C ALA D 128 -27.45 -0.57 -31.65
N GLU D 129 -28.00 -0.98 -32.80
CA GLU D 129 -28.45 0.00 -33.77
C GLU D 129 -29.65 0.78 -33.26
N ALA D 130 -30.53 0.13 -32.48
CA ALA D 130 -31.66 0.84 -31.89
C ALA D 130 -31.18 1.90 -30.90
N ILE D 131 -30.20 1.56 -30.06
CA ILE D 131 -29.66 2.55 -29.13
C ILE D 131 -29.00 3.69 -29.88
N ALA D 132 -28.24 3.37 -30.93
CA ALA D 132 -27.58 4.42 -31.71
C ALA D 132 -28.59 5.36 -32.34
N ALA D 133 -29.67 4.80 -32.89
CA ALA D 133 -30.72 5.65 -33.47
C ALA D 133 -31.41 6.49 -32.40
N GLU D 134 -31.66 5.90 -31.22
CA GLU D 134 -32.36 6.62 -30.17
C GLU D 134 -31.55 7.79 -29.65
N HIS D 135 -30.24 7.60 -29.47
CA HIS D 135 -29.39 8.62 -28.87
C HIS D 135 -28.74 9.53 -29.89
N GLY D 136 -29.05 9.36 -31.18
CA GLY D 136 -28.57 10.27 -32.20
C GLY D 136 -27.12 10.10 -32.60
N TYR D 137 -26.44 9.06 -32.14
CA TYR D 137 -25.07 8.82 -32.54
C TYR D 137 -25.02 8.46 -34.02
N VAL D 138 -23.96 8.92 -34.70
CA VAL D 138 -23.88 8.77 -36.15
C VAL D 138 -23.60 7.32 -36.51
N ASN D 139 -22.43 6.81 -36.11
CA ASN D 139 -22.06 5.43 -36.38
C ASN D 139 -21.45 4.83 -35.12
N VAL D 140 -21.66 3.53 -34.94
CA VAL D 140 -21.25 2.84 -33.73
C VAL D 140 -20.53 1.55 -34.09
N ALA D 141 -19.71 1.07 -33.17
CA ALA D 141 -19.02 -0.20 -33.29
C ALA D 141 -19.20 -0.99 -32.00
N HIS D 142 -19.60 -2.25 -32.12
CA HIS D 142 -19.91 -3.09 -30.97
C HIS D 142 -18.78 -4.11 -30.77
N THR D 143 -18.32 -4.21 -29.52
CA THR D 143 -17.34 -5.21 -29.11
C THR D 143 -17.95 -6.03 -27.99
N VAL D 144 -18.54 -7.17 -28.32
CA VAL D 144 -19.26 -8.00 -27.36
C VAL D 144 -18.45 -9.28 -27.15
N GLU D 145 -17.95 -9.45 -25.93
CA GLU D 145 -17.20 -10.63 -25.53
C GLU D 145 -17.79 -11.17 -24.24
N ILE D 146 -18.02 -12.48 -24.19
CA ILE D 146 -18.56 -13.15 -23.02
C ILE D 146 -17.57 -14.21 -22.56
N PHE D 147 -17.29 -14.24 -21.26
CA PHE D 147 -16.34 -15.16 -20.67
C PHE D 147 -17.08 -16.14 -19.77
N GLY D 148 -16.81 -17.43 -19.95
CA GLY D 148 -17.45 -18.45 -19.15
C GLY D 148 -16.48 -19.57 -18.80
N THR D 149 -16.93 -20.43 -17.88
CA THR D 149 -16.13 -21.56 -17.44
C THR D 149 -16.43 -22.78 -18.30
N CYS D 150 -15.37 -23.46 -18.74
CA CYS D 150 -15.52 -24.58 -19.65
C CYS D 150 -16.23 -25.75 -18.97
N ALA D 151 -16.89 -26.57 -19.79
CA ALA D 151 -17.69 -27.68 -19.26
C ALA D 151 -16.82 -28.73 -18.60
N ASP D 152 -15.75 -29.16 -19.28
CA ASP D 152 -14.93 -30.25 -18.75
C ASP D 152 -13.95 -29.79 -17.68
N CYS D 153 -13.84 -28.48 -17.44
CA CYS D 153 -12.92 -27.99 -16.41
C CYS D 153 -13.33 -28.46 -15.02
N ALA D 154 -14.64 -28.44 -14.73
CA ALA D 154 -15.11 -28.90 -13.44
C ALA D 154 -14.83 -30.38 -13.23
N GLY D 155 -15.04 -31.20 -14.26
CA GLY D 155 -14.75 -32.61 -14.16
C GLY D 155 -13.26 -32.85 -13.99
N ALA D 156 -12.89 -33.64 -12.99
CA ALA D 156 -11.49 -33.94 -12.72
C ALA D 156 -11.34 -35.30 -12.06
N PRO E 26 6.10 -20.57 0.26
CA PRO E 26 4.97 -19.66 0.43
C PRO E 26 4.89 -18.56 -0.63
N PRO E 27 4.34 -18.88 -1.80
CA PRO E 27 4.13 -17.84 -2.82
C PRO E 27 3.08 -16.84 -2.39
N VAL E 28 3.23 -15.62 -2.89
CA VAL E 28 2.30 -14.53 -2.60
C VAL E 28 1.54 -14.21 -3.88
N LYS E 29 0.31 -13.71 -3.72
CA LYS E 29 -0.55 -13.46 -4.86
C LYS E 29 0.05 -12.46 -5.85
N GLY E 30 0.93 -11.59 -5.37
CA GLY E 30 1.53 -10.58 -6.21
C GLY E 30 2.71 -11.09 -7.01
N ARG E 31 3.36 -10.17 -7.71
CA ARG E 31 4.54 -10.50 -8.51
C ARG E 31 5.68 -10.92 -7.60
N ALA E 32 6.43 -11.93 -8.04
CA ALA E 32 7.55 -12.43 -7.25
C ALA E 32 8.63 -11.37 -7.13
N THR E 33 9.16 -11.22 -5.92
CA THR E 33 10.22 -10.24 -5.67
C THR E 33 11.04 -10.71 -4.48
N ARG E 34 12.23 -10.13 -4.35
CA ARG E 34 13.18 -10.61 -3.34
C ARG E 34 12.70 -10.32 -1.92
N GLN E 35 11.91 -9.25 -1.73
CA GLN E 35 11.38 -8.97 -0.40
C GLN E 35 10.43 -10.08 0.05
N ARG E 36 9.48 -10.45 -0.82
CA ARG E 36 8.58 -11.55 -0.50
C ARG E 36 9.34 -12.85 -0.33
N ALA E 37 10.36 -13.08 -1.17
CA ALA E 37 11.16 -14.30 -1.03
C ALA E 37 11.85 -14.34 0.33
N ALA E 38 12.42 -13.22 0.76
CA ALA E 38 13.12 -13.18 2.03
C ALA E 38 12.16 -13.41 3.20
N VAL E 39 10.99 -12.77 3.19
CA VAL E 39 10.06 -12.96 4.30
C VAL E 39 9.54 -14.41 4.32
N SER E 40 9.33 -15.00 3.15
CA SER E 40 8.89 -16.39 3.09
C SER E 40 9.96 -17.32 3.64
N ALA E 41 11.23 -17.10 3.26
CA ALA E 41 12.30 -17.94 3.79
C ALA E 41 12.44 -17.79 5.30
N ALA E 42 12.32 -16.55 5.80
CA ALA E 42 12.42 -16.33 7.23
C ALA E 42 11.31 -17.07 7.98
N LEU E 43 10.09 -17.03 7.45
CA LEU E 43 9.01 -17.80 8.08
C LEU E 43 9.27 -19.29 8.00
N GLN E 44 9.84 -19.76 6.89
CA GLN E 44 10.14 -21.19 6.77
C GLN E 44 11.14 -21.65 7.80
N GLU E 45 12.17 -20.83 8.07
CA GLU E 45 13.22 -21.25 8.99
C GLU E 45 12.71 -21.34 10.42
N VAL E 46 11.95 -20.33 10.87
CA VAL E 46 11.53 -20.27 12.27
C VAL E 46 10.50 -21.35 12.57
N GLU E 47 10.48 -21.83 13.81
CA GLU E 47 9.51 -22.80 14.27
C GLU E 47 8.55 -22.26 15.31
N GLU E 48 8.76 -21.03 15.80
CA GLU E 48 7.95 -20.45 16.85
C GLU E 48 7.17 -19.25 16.32
N PHE E 49 6.15 -18.86 17.08
CA PHE E 49 5.34 -17.71 16.72
C PHE E 49 6.15 -16.42 16.87
N ARG E 50 6.08 -15.56 15.86
CA ARG E 50 6.77 -14.28 15.90
C ARG E 50 5.85 -13.21 15.34
N SER E 51 5.85 -12.04 15.98
CA SER E 51 5.02 -10.92 15.56
C SER E 51 5.59 -10.31 14.29
N ALA E 52 5.01 -9.19 13.85
CA ALA E 52 5.55 -8.49 12.69
C ALA E 52 6.82 -7.73 13.05
N GLN E 53 6.85 -7.09 14.21
CA GLN E 53 8.01 -6.30 14.61
C GLN E 53 9.17 -7.19 15.02
N GLU E 54 8.90 -8.27 15.74
CA GLU E 54 9.96 -9.21 16.09
C GLU E 54 10.55 -9.87 14.86
N LEU E 55 9.70 -10.26 13.91
CA LEU E 55 10.20 -10.84 12.67
C LEU E 55 10.99 -9.83 11.85
N HIS E 56 10.54 -8.57 11.85
CA HIS E 56 11.30 -7.54 11.15
C HIS E 56 12.67 -7.35 11.79
N ASP E 57 12.74 -7.34 13.12
CA ASP E 57 14.04 -7.23 13.78
C ASP E 57 14.95 -8.40 13.43
N MET E 58 14.39 -9.63 13.48
CA MET E 58 15.21 -10.80 13.19
C MET E 58 15.72 -10.74 11.76
N LEU E 59 14.86 -10.38 10.82
CA LEU E 59 15.25 -10.35 9.42
C LEU E 59 16.21 -9.20 9.12
N LYS E 60 16.08 -8.09 9.84
CA LYS E 60 17.06 -7.01 9.73
C LYS E 60 18.43 -7.47 10.21
N HIS E 61 18.48 -8.19 11.34
CA HIS E 61 19.75 -8.66 11.87
C HIS E 61 20.31 -9.83 11.07
N LYS E 62 19.48 -10.48 10.25
CA LYS E 62 20.03 -11.48 9.34
C LYS E 62 20.72 -10.84 8.15
N GLY E 63 20.45 -9.56 7.89
CA GLY E 63 21.13 -8.83 6.83
C GLY E 63 20.34 -8.63 5.56
N ASP E 64 19.07 -9.08 5.51
CA ASP E 64 18.28 -8.91 4.30
C ASP E 64 17.77 -7.48 4.16
N ALA E 65 17.39 -6.85 5.26
CA ALA E 65 17.03 -5.43 5.31
C ALA E 65 15.86 -5.11 4.40
N VAL E 66 14.69 -5.62 4.78
CA VAL E 66 13.43 -5.19 4.19
C VAL E 66 12.73 -4.29 5.20
N GLY E 67 11.86 -3.43 4.69
CA GLY E 67 11.16 -2.49 5.55
C GLY E 67 10.08 -3.15 6.39
N LEU E 68 9.60 -2.42 7.39
CA LEU E 68 8.56 -2.94 8.27
C LEU E 68 7.19 -2.91 7.61
N THR E 69 6.93 -1.88 6.80
CA THR E 69 5.64 -1.78 6.14
C THR E 69 5.42 -2.93 5.16
N THR E 70 6.45 -3.28 4.40
CA THR E 70 6.31 -4.40 3.47
C THR E 70 6.22 -5.72 4.21
N VAL E 71 6.83 -5.82 5.39
CA VAL E 71 6.65 -7.00 6.22
C VAL E 71 5.20 -7.14 6.64
N TYR E 72 4.59 -6.05 7.10
CA TYR E 72 3.17 -6.05 7.43
C TYR E 72 2.33 -6.48 6.24
N ARG E 73 2.57 -5.86 5.08
CA ARG E 73 1.75 -6.16 3.91
C ARG E 73 1.89 -7.61 3.48
N THR E 74 3.11 -8.13 3.45
CA THR E 74 3.33 -9.51 3.01
C THR E 74 2.75 -10.50 4.00
N LEU E 75 2.87 -10.23 5.29
CA LEU E 75 2.31 -11.15 6.27
C LEU E 75 0.78 -11.17 6.19
N GLN E 76 0.16 -10.01 6.02
CA GLN E 76 -1.29 -9.98 5.85
C GLN E 76 -1.71 -10.69 4.56
N SER E 77 -0.93 -10.54 3.50
CA SER E 77 -1.24 -11.25 2.25
C SER E 77 -1.14 -12.76 2.44
N LEU E 78 -0.10 -13.22 3.15
CA LEU E 78 0.04 -14.65 3.41
C LEU E 78 -1.09 -15.17 4.28
N ALA E 79 -1.50 -14.40 5.28
CA ALA E 79 -2.63 -14.80 6.12
C ALA E 79 -3.92 -14.87 5.32
N ASP E 80 -4.15 -13.88 4.45
CA ASP E 80 -5.35 -13.92 3.61
C ASP E 80 -5.34 -15.12 2.68
N ALA E 81 -4.17 -15.44 2.11
CA ALA E 81 -4.07 -16.63 1.28
C ALA E 81 -4.26 -17.91 2.09
N GLY E 82 -4.01 -17.85 3.39
CA GLY E 82 -4.18 -19.00 4.26
C GLY E 82 -2.95 -19.85 4.46
N GLU E 83 -1.78 -19.36 4.05
CA GLU E 83 -0.56 -20.15 4.20
C GLU E 83 -0.04 -20.13 5.64
N VAL E 84 -0.25 -19.03 6.36
CA VAL E 84 0.21 -18.90 7.74
C VAL E 84 -0.99 -18.73 8.66
N ASP E 85 -0.76 -18.95 9.94
CA ASP E 85 -1.81 -18.89 10.96
C ASP E 85 -1.61 -17.66 11.83
N VAL E 86 -2.68 -16.91 12.05
CA VAL E 86 -2.65 -15.70 12.86
C VAL E 86 -3.22 -16.02 14.24
N LEU E 87 -2.50 -15.59 15.27
CA LEU E 87 -2.90 -15.81 16.65
C LEU E 87 -2.77 -14.50 17.42
N ARG E 88 -3.82 -14.14 18.16
CA ARG E 88 -3.81 -12.94 18.99
C ARG E 88 -3.46 -13.32 20.42
N THR E 89 -2.48 -12.62 20.99
CA THR E 89 -2.08 -12.87 22.37
C THR E 89 -2.96 -12.05 23.32
N ALA E 90 -2.64 -12.16 24.62
CA ALA E 90 -3.40 -11.42 25.62
C ALA E 90 -3.22 -9.91 25.46
N GLU E 91 -2.01 -9.49 25.10
CA GLU E 91 -1.73 -8.06 24.96
C GLU E 91 -2.48 -7.43 23.78
N GLY E 92 -2.94 -8.24 22.83
CA GLY E 92 -3.68 -7.76 21.69
C GLY E 92 -2.94 -7.87 20.37
N GLU E 93 -1.62 -7.99 20.40
CA GLU E 93 -0.85 -8.12 19.17
C GLU E 93 -1.06 -9.52 18.56
N SER E 94 -0.84 -9.59 17.25
CA SER E 94 -0.99 -10.84 16.52
C SER E 94 0.37 -11.44 16.21
N VAL E 95 0.45 -12.77 16.22
CA VAL E 95 1.67 -13.50 15.94
C VAL E 95 1.39 -14.52 14.85
N TYR E 96 2.34 -14.67 13.92
CA TYR E 96 2.17 -15.51 12.74
C TYR E 96 3.18 -16.64 12.74
N ARG E 97 2.77 -17.78 12.19
CA ARG E 97 3.69 -18.91 12.01
C ARG E 97 3.17 -19.83 10.92
N ARG E 98 4.10 -20.42 10.18
CA ARG E 98 3.77 -21.39 9.14
C ARG E 98 3.59 -22.77 9.77
N CYS E 99 2.45 -23.40 9.50
CA CYS E 99 2.18 -24.76 9.96
C CYS E 99 2.24 -25.72 8.78
N SER E 100 3.02 -26.79 8.93
CA SER E 100 3.21 -27.73 7.83
C SER E 100 1.92 -28.41 7.43
N THR E 101 1.10 -28.80 8.40
CA THR E 101 -0.14 -29.52 8.12
C THR E 101 -1.19 -28.55 7.60
N GLY E 102 -1.69 -28.80 6.40
CA GLY E 102 -2.73 -27.96 5.82
C GLY E 102 -4.11 -28.18 6.39
N ASP E 103 -4.34 -29.33 7.00
CA ASP E 103 -5.64 -29.63 7.58
C ASP E 103 -5.93 -28.70 8.76
N HIS E 104 -7.21 -28.36 8.93
CA HIS E 104 -7.61 -27.50 10.04
C HIS E 104 -7.33 -28.18 11.37
N HIS E 105 -6.78 -27.42 12.30
CA HIS E 105 -6.41 -27.93 13.61
C HIS E 105 -6.42 -26.77 14.60
N HIS E 106 -5.85 -27.02 15.78
CA HIS E 106 -5.74 -26.01 16.83
C HIS E 106 -4.34 -26.02 17.40
N HIS E 107 -4.01 -24.96 18.13
CA HIS E 107 -2.63 -24.68 18.55
C HIS E 107 -2.53 -24.61 20.06
N LEU E 108 -1.45 -25.18 20.59
CA LEU E 108 -1.07 -25.04 21.98
C LEU E 108 0.25 -24.29 22.03
N VAL E 109 0.28 -23.17 22.75
CA VAL E 109 1.43 -22.27 22.72
C VAL E 109 1.98 -22.07 24.13
N CYS E 110 3.27 -21.73 24.17
CA CYS E 110 3.97 -21.37 25.40
C CYS E 110 4.38 -19.91 25.30
N ARG E 111 3.71 -19.05 26.06
CA ARG E 111 4.02 -17.62 26.01
C ARG E 111 5.40 -17.30 26.54
N ALA E 112 6.00 -18.20 27.32
CA ALA E 112 7.37 -18.00 27.77
C ALA E 112 8.40 -18.26 26.68
N CYS E 113 8.03 -19.06 25.68
CA CYS E 113 8.94 -19.41 24.60
C CYS E 113 8.44 -19.07 23.21
N GLY E 114 7.13 -19.19 22.96
CA GLY E 114 6.59 -19.06 21.64
C GLY E 114 6.44 -20.37 20.88
N LYS E 115 6.73 -21.51 21.53
CA LYS E 115 6.59 -22.80 20.87
C LYS E 115 5.14 -23.09 20.55
N ALA E 116 4.92 -23.87 19.49
CA ALA E 116 3.59 -24.28 19.09
C ALA E 116 3.62 -25.74 18.68
N VAL E 117 2.57 -26.48 19.08
CA VAL E 117 2.41 -27.87 18.71
C VAL E 117 1.01 -28.04 18.14
N GLU E 118 0.93 -28.64 16.94
CA GLU E 118 -0.37 -28.86 16.32
C GLU E 118 -1.18 -29.87 17.13
N VAL E 119 -2.47 -29.59 17.29
CA VAL E 119 -3.38 -30.48 18.01
C VAL E 119 -4.78 -30.33 17.42
N GLU E 120 -5.51 -31.44 17.36
CA GLU E 120 -6.87 -31.44 16.82
C GLU E 120 -7.74 -32.37 17.64
N GLY E 121 -9.03 -32.03 17.71
CA GLY E 121 -9.99 -32.86 18.40
C GLY E 121 -11.36 -32.81 17.75
N PRO E 122 -11.89 -33.98 17.37
CA PRO E 122 -13.21 -34.01 16.74
C PRO E 122 -14.34 -33.66 17.70
N ALA E 123 -14.16 -33.90 19.00
CA ALA E 123 -15.23 -33.66 19.95
C ALA E 123 -15.62 -32.19 20.01
N VAL E 124 -14.63 -31.30 19.97
CA VAL E 124 -14.92 -29.87 20.02
C VAL E 124 -15.67 -29.43 18.77
N GLU E 125 -15.24 -29.90 17.60
CA GLU E 125 -15.94 -29.55 16.36
C GLU E 125 -17.39 -30.06 16.42
N LYS E 126 -17.57 -31.30 16.86
CA LYS E 126 -18.92 -31.87 16.93
C LYS E 126 -19.80 -31.07 17.89
N TRP E 127 -19.25 -30.70 19.05
CA TRP E 127 -19.96 -29.83 19.97
C TRP E 127 -20.28 -28.49 19.30
N ALA E 128 -19.41 -28.05 18.40
CA ALA E 128 -19.65 -26.78 17.71
C ALA E 128 -20.90 -26.87 16.83
N GLU E 129 -21.00 -27.88 15.97
CA GLU E 129 -22.23 -27.91 15.17
C GLU E 129 -23.43 -28.22 16.05
N ALA E 130 -23.24 -28.98 17.14
CA ALA E 130 -24.36 -29.27 18.04
C ALA E 130 -24.91 -28.00 18.66
N ILE E 131 -24.03 -27.12 19.16
CA ILE E 131 -24.49 -25.89 19.80
C ILE E 131 -25.09 -24.96 18.74
N ALA E 132 -24.49 -24.91 17.55
CA ALA E 132 -25.04 -24.08 16.49
C ALA E 132 -26.43 -24.53 16.08
N ALA E 133 -26.64 -25.85 15.99
CA ALA E 133 -27.94 -26.38 15.60
C ALA E 133 -28.97 -26.15 16.70
N GLU E 134 -28.60 -26.38 17.96
CA GLU E 134 -29.57 -26.24 19.03
C GLU E 134 -29.98 -24.79 19.22
N HIS E 135 -29.08 -23.85 18.92
CA HIS E 135 -29.50 -22.46 18.85
C HIS E 135 -29.75 -21.97 17.42
N GLY E 136 -29.67 -22.85 16.43
CA GLY E 136 -30.15 -22.51 15.10
C GLY E 136 -29.32 -21.49 14.34
N TYR E 137 -28.07 -21.29 14.74
CA TYR E 137 -27.22 -20.35 14.02
C TYR E 137 -26.88 -20.89 12.64
N VAL E 138 -26.87 -20.00 11.65
CA VAL E 138 -26.70 -20.42 10.26
C VAL E 138 -25.31 -21.01 10.05
N ASN E 139 -24.27 -20.19 10.26
CA ASN E 139 -22.90 -20.67 10.21
C ASN E 139 -22.15 -20.12 11.42
N VAL E 140 -21.12 -20.85 11.84
CA VAL E 140 -20.35 -20.50 13.02
C VAL E 140 -18.86 -20.69 12.73
N ALA E 141 -18.05 -20.01 13.53
CA ALA E 141 -16.60 -20.15 13.50
C ALA E 141 -16.11 -20.38 14.93
N HIS E 142 -15.21 -21.33 15.09
CA HIS E 142 -14.71 -21.73 16.40
C HIS E 142 -13.28 -21.25 16.58
N THR E 143 -13.02 -20.57 17.70
CA THR E 143 -11.70 -20.07 18.06
C THR E 143 -11.32 -20.67 19.41
N VAL E 144 -10.64 -21.82 19.39
CA VAL E 144 -10.17 -22.48 20.59
C VAL E 144 -8.66 -22.39 20.61
N GLU E 145 -8.12 -21.84 21.70
CA GLU E 145 -6.69 -21.63 21.84
C GLU E 145 -6.31 -21.87 23.30
N ILE E 146 -5.43 -22.83 23.54
CA ILE E 146 -5.01 -23.22 24.88
C ILE E 146 -3.63 -22.64 25.14
N PHE E 147 -3.49 -21.93 26.26
CA PHE E 147 -2.24 -21.31 26.65
C PHE E 147 -1.67 -22.09 27.83
N GLY E 148 -0.49 -22.69 27.63
CA GLY E 148 0.10 -23.54 28.64
C GLY E 148 1.51 -23.10 28.97
N THR E 149 2.03 -23.69 30.04
CA THR E 149 3.38 -23.41 30.51
C THR E 149 4.33 -24.48 29.99
N CYS E 150 5.46 -24.04 29.42
CA CYS E 150 6.39 -24.94 28.79
C CYS E 150 7.02 -25.88 29.82
N ALA E 151 7.31 -27.11 29.37
CA ALA E 151 7.79 -28.13 30.29
C ALA E 151 9.14 -27.76 30.89
N ASP E 152 10.06 -27.24 30.07
CA ASP E 152 11.39 -26.90 30.56
C ASP E 152 11.44 -25.55 31.24
N CYS E 153 10.38 -24.74 31.16
CA CYS E 153 10.38 -23.44 31.82
C CYS E 153 10.44 -23.61 33.34
N ALA E 154 9.71 -24.57 33.88
CA ALA E 154 9.75 -24.81 35.33
C ALA E 154 11.13 -25.28 35.78
N GLY E 155 11.76 -26.15 34.99
CA GLY E 155 13.09 -26.61 35.34
C GLY E 155 14.10 -25.49 35.24
N ALA E 156 14.91 -25.32 36.29
CA ALA E 156 15.91 -24.27 36.32
C ALA E 156 17.10 -24.68 37.19
N PRO F 26 -22.13 -6.33 44.12
CA PRO F 26 -20.77 -6.45 43.57
C PRO F 26 -19.74 -5.69 44.40
N PRO F 27 -19.21 -6.33 45.44
CA PRO F 27 -18.20 -5.67 46.27
C PRO F 27 -16.95 -5.31 45.47
N VAL F 28 -16.34 -4.18 45.83
CA VAL F 28 -15.13 -3.71 45.18
C VAL F 28 -14.00 -3.70 46.20
N LYS F 29 -12.78 -3.96 45.72
CA LYS F 29 -11.63 -3.98 46.61
C LYS F 29 -11.40 -2.64 47.28
N GLY F 30 -11.75 -1.53 46.60
CA GLY F 30 -11.63 -0.22 47.18
C GLY F 30 -12.79 0.12 48.09
N ARG F 31 -12.72 1.32 48.66
CA ARG F 31 -13.77 1.80 49.53
C ARG F 31 -15.06 2.02 48.75
N ALA F 32 -16.19 1.61 49.35
CA ALA F 32 -17.47 1.71 48.69
C ALA F 32 -17.85 3.18 48.48
N THR F 33 -18.30 3.49 47.28
CA THR F 33 -18.76 4.85 46.97
C THR F 33 -19.77 4.76 45.83
N ARG F 34 -20.49 5.88 45.63
CA ARG F 34 -21.63 5.81 44.72
C ARG F 34 -21.18 5.72 43.27
N GLN F 35 -19.92 6.06 42.96
CA GLN F 35 -19.38 5.74 41.64
C GLN F 35 -19.43 4.24 41.38
N ARG F 36 -18.83 3.45 42.28
CA ARG F 36 -18.85 2.00 42.12
C ARG F 36 -20.27 1.46 42.21
N ALA F 37 -21.10 2.07 43.06
CA ALA F 37 -22.49 1.63 43.18
C ALA F 37 -23.23 1.79 41.86
N ALA F 38 -23.08 2.97 41.23
CA ALA F 38 -23.75 3.22 39.95
C ALA F 38 -23.21 2.32 38.86
N VAL F 39 -21.89 2.09 38.85
CA VAL F 39 -21.31 1.19 37.84
C VAL F 39 -21.86 -0.23 38.01
N SER F 40 -21.90 -0.71 39.26
CA SER F 40 -22.43 -2.06 39.51
C SER F 40 -23.89 -2.16 39.09
N ALA F 41 -24.70 -1.14 39.43
CA ALA F 41 -26.09 -1.16 39.01
C ALA F 41 -26.21 -1.18 37.49
N ALA F 42 -25.44 -0.32 36.82
CA ALA F 42 -25.51 -0.22 35.36
C ALA F 42 -25.15 -1.54 34.71
N LEU F 43 -24.11 -2.21 35.20
CA LEU F 43 -23.85 -3.57 34.74
C LEU F 43 -24.98 -4.51 35.10
N GLN F 44 -25.71 -4.22 36.18
CA GLN F 44 -26.77 -5.13 36.61
C GLN F 44 -27.93 -5.15 35.62
N GLU F 45 -28.43 -3.97 35.20
CA GLU F 45 -29.62 -4.04 34.35
C GLU F 45 -29.28 -4.58 32.95
N VAL F 46 -28.10 -4.24 32.44
CA VAL F 46 -27.75 -4.59 31.06
C VAL F 46 -27.49 -6.07 30.96
N GLU F 47 -27.67 -6.62 29.75
CA GLU F 47 -27.43 -8.02 29.47
C GLU F 47 -26.65 -8.23 28.18
N GLU F 48 -26.18 -7.16 27.54
CA GLU F 48 -25.48 -7.21 26.28
C GLU F 48 -24.05 -6.70 26.46
N PHE F 49 -23.13 -7.23 25.64
CA PHE F 49 -21.73 -6.88 25.77
C PHE F 49 -21.49 -5.46 25.28
N ARG F 50 -20.95 -4.61 26.15
CA ARG F 50 -20.61 -3.23 25.83
C ARG F 50 -19.18 -2.94 26.27
N SER F 51 -18.46 -2.18 25.45
CA SER F 51 -17.13 -1.74 25.84
C SER F 51 -17.23 -0.67 26.91
N ALA F 52 -16.06 -0.23 27.40
CA ALA F 52 -16.04 0.75 28.48
C ALA F 52 -16.48 2.13 28.03
N GLN F 53 -16.14 2.52 26.79
CA GLN F 53 -16.56 3.82 26.29
C GLN F 53 -18.07 3.88 26.11
N GLU F 54 -18.67 2.82 25.57
CA GLU F 54 -20.12 2.79 25.40
C GLU F 54 -20.81 2.78 26.76
N LEU F 55 -20.26 2.06 27.72
CA LEU F 55 -20.82 2.05 29.07
C LEU F 55 -20.74 3.45 29.69
N HIS F 56 -19.62 4.13 29.50
CA HIS F 56 -19.50 5.50 30.00
C HIS F 56 -20.50 6.43 29.33
N ASP F 57 -20.70 6.27 28.02
CA ASP F 57 -21.69 7.10 27.33
C ASP F 57 -23.10 6.84 27.87
N MET F 58 -23.43 5.58 28.10
CA MET F 58 -24.74 5.26 28.68
C MET F 58 -24.90 5.86 30.07
N LEU F 59 -23.86 5.77 30.90
CA LEU F 59 -23.92 6.33 32.24
C LEU F 59 -24.06 7.85 32.20
N LYS F 60 -23.33 8.51 31.30
CA LYS F 60 -23.46 9.95 31.15
C LYS F 60 -24.87 10.33 30.68
N HIS F 61 -25.44 9.52 29.78
CA HIS F 61 -26.82 9.74 29.37
C HIS F 61 -27.77 9.62 30.56
N LYS F 62 -27.48 8.67 31.46
CA LYS F 62 -28.27 8.57 32.68
C LYS F 62 -28.11 9.80 33.56
N GLY F 63 -26.98 10.50 33.45
CA GLY F 63 -26.77 11.73 34.17
C GLY F 63 -25.90 11.66 35.40
N ASP F 64 -25.28 10.51 35.67
CA ASP F 64 -24.42 10.41 36.86
C ASP F 64 -23.11 11.17 36.69
N ALA F 65 -22.63 11.32 35.45
CA ALA F 65 -21.45 12.11 35.14
C ALA F 65 -20.22 11.61 35.89
N VAL F 66 -19.79 10.41 35.52
CA VAL F 66 -18.62 9.76 36.11
C VAL F 66 -17.49 9.75 35.10
N GLY F 67 -16.27 9.97 35.58
CA GLY F 67 -15.14 10.06 34.68
C GLY F 67 -14.79 8.74 34.03
N LEU F 68 -14.21 8.84 32.83
CA LEU F 68 -13.89 7.63 32.05
C LEU F 68 -12.75 6.84 32.67
N THR F 69 -11.76 7.53 33.22
CA THR F 69 -10.66 6.84 33.88
C THR F 69 -11.16 6.01 35.06
N THR F 70 -12.09 6.57 35.83
CA THR F 70 -12.71 5.81 36.91
C THR F 70 -13.49 4.62 36.37
N VAL F 71 -14.11 4.78 35.20
CA VAL F 71 -14.84 3.68 34.59
C VAL F 71 -13.88 2.52 34.26
N TYR F 72 -12.76 2.84 33.61
CA TYR F 72 -11.71 1.85 33.43
C TYR F 72 -11.35 1.18 34.76
N ARG F 73 -10.88 1.99 35.72
CA ARG F 73 -10.39 1.45 36.99
C ARG F 73 -11.39 0.49 37.61
N THR F 74 -12.67 0.88 37.63
CA THR F 74 -13.70 0.02 38.21
C THR F 74 -13.83 -1.27 37.41
N LEU F 75 -13.80 -1.18 36.07
CA LEU F 75 -13.98 -2.39 35.27
C LEU F 75 -12.82 -3.36 35.43
N GLN F 76 -11.58 -2.86 35.44
CA GLN F 76 -10.44 -3.74 35.67
C GLN F 76 -10.45 -4.31 37.08
N SER F 77 -10.89 -3.52 38.07
CA SER F 77 -11.01 -4.06 39.43
C SER F 77 -12.01 -5.19 39.48
N LEU F 78 -13.17 -5.02 38.83
CA LEU F 78 -14.18 -6.07 38.80
C LEU F 78 -13.67 -7.30 38.07
N ALA F 79 -12.96 -7.11 36.95
CA ALA F 79 -12.43 -8.23 36.20
C ALA F 79 -11.41 -9.01 37.05
N ASP F 80 -10.56 -8.29 37.78
CA ASP F 80 -9.61 -8.96 38.67
C ASP F 80 -10.34 -9.72 39.77
N ALA F 81 -11.39 -9.12 40.33
CA ALA F 81 -12.16 -9.80 41.36
C ALA F 81 -12.87 -11.04 40.80
N GLY F 82 -13.41 -10.96 39.59
CA GLY F 82 -14.02 -12.09 38.94
C GLY F 82 -15.52 -12.02 38.75
N GLU F 83 -16.17 -10.89 39.05
CA GLU F 83 -17.61 -10.79 38.86
C GLU F 83 -17.99 -10.83 37.38
N VAL F 84 -17.20 -10.18 36.53
CA VAL F 84 -17.53 -10.02 35.12
C VAL F 84 -16.54 -10.78 34.28
N ASP F 85 -16.94 -11.07 33.04
CA ASP F 85 -16.09 -11.75 32.07
C ASP F 85 -15.83 -10.83 30.88
N VAL F 86 -14.68 -11.01 30.26
CA VAL F 86 -14.21 -10.14 29.18
C VAL F 86 -13.86 -10.99 27.97
N LEU F 87 -14.22 -10.50 26.79
CA LEU F 87 -13.72 -11.03 25.53
C LEU F 87 -13.25 -9.89 24.66
N ARG F 88 -12.31 -10.19 23.78
CA ARG F 88 -11.65 -9.18 22.96
C ARG F 88 -12.21 -9.23 21.54
N THR F 89 -12.59 -8.07 21.02
CA THR F 89 -13.16 -7.98 19.68
C THR F 89 -12.05 -8.07 18.64
N ALA F 90 -12.45 -8.16 17.37
CA ALA F 90 -11.49 -8.26 16.28
C ALA F 90 -10.64 -7.00 16.18
N GLU F 91 -11.26 -5.83 16.34
CA GLU F 91 -10.51 -4.58 16.25
C GLU F 91 -9.54 -4.42 17.42
N GLY F 92 -9.87 -4.97 18.58
CA GLY F 92 -9.00 -4.86 19.72
C GLY F 92 -9.68 -4.42 21.00
N GLU F 93 -10.89 -3.86 20.89
CA GLU F 93 -11.63 -3.45 22.06
C GLU F 93 -11.95 -4.63 22.95
N SER F 94 -11.91 -4.40 24.26
CA SER F 94 -12.31 -5.39 25.25
C SER F 94 -13.66 -4.98 25.82
N VAL F 95 -14.59 -5.93 25.87
CA VAL F 95 -15.96 -5.68 26.30
C VAL F 95 -16.22 -6.43 27.60
N TYR F 96 -16.93 -5.77 28.52
CA TYR F 96 -17.20 -6.30 29.85
C TYR F 96 -18.69 -6.59 29.98
N ARG F 97 -19.02 -7.68 30.68
CA ARG F 97 -20.41 -8.04 30.90
C ARG F 97 -20.51 -8.87 32.17
N ARG F 98 -21.57 -8.63 32.94
CA ARG F 98 -21.85 -9.39 34.16
C ARG F 98 -22.62 -10.65 33.80
N CYS F 99 -21.93 -11.80 33.83
CA CYS F 99 -22.59 -13.07 33.56
C CYS F 99 -23.37 -13.52 34.79
N SER F 100 -24.60 -13.99 34.56
CA SER F 100 -25.45 -14.40 35.67
C SER F 100 -24.86 -15.58 36.43
N THR F 101 -24.31 -16.55 35.71
CA THR F 101 -23.75 -17.75 36.34
C THR F 101 -22.31 -17.48 36.75
N GLY F 102 -21.99 -17.74 38.02
CA GLY F 102 -20.63 -17.59 38.49
C GLY F 102 -19.70 -18.70 38.06
N ASP F 103 -20.25 -19.86 37.69
CA ASP F 103 -19.43 -20.98 37.27
C ASP F 103 -18.72 -20.68 35.96
N HIS F 104 -17.56 -21.31 35.77
CA HIS F 104 -16.79 -21.14 34.54
C HIS F 104 -17.61 -21.64 33.36
N HIS F 105 -17.72 -20.80 32.33
CA HIS F 105 -18.49 -21.16 31.14
C HIS F 105 -17.97 -20.32 29.98
N HIS F 106 -18.34 -20.73 28.78
CA HIS F 106 -17.95 -20.03 27.56
C HIS F 106 -19.18 -19.45 26.88
N HIS F 107 -18.99 -18.29 26.25
CA HIS F 107 -20.10 -17.44 25.83
C HIS F 107 -20.25 -17.43 24.32
N LEU F 108 -21.48 -17.56 23.86
CA LEU F 108 -21.84 -17.40 22.45
C LEU F 108 -22.45 -16.02 22.24
N VAL F 109 -21.86 -15.25 21.32
CA VAL F 109 -22.31 -13.89 21.07
C VAL F 109 -22.61 -13.73 19.58
N CYS F 110 -23.48 -12.78 19.27
CA CYS F 110 -23.87 -12.48 17.91
C CYS F 110 -23.10 -11.26 17.40
N ARG F 111 -22.78 -11.27 16.10
CA ARG F 111 -22.01 -10.18 15.53
C ARG F 111 -22.75 -8.85 15.62
N ALA F 112 -24.05 -8.87 15.33
CA ALA F 112 -24.85 -7.64 15.35
C ALA F 112 -25.72 -7.58 16.61
N CYS F 113 -26.50 -8.65 16.85
CA CYS F 113 -27.41 -8.66 17.98
C CYS F 113 -26.65 -8.63 19.31
N GLY F 114 -25.65 -9.48 19.45
CA GLY F 114 -24.78 -9.46 20.60
C GLY F 114 -25.29 -10.19 21.84
N LYS F 115 -26.41 -10.91 21.75
CA LYS F 115 -26.91 -11.62 22.91
C LYS F 115 -25.93 -12.73 23.29
N ALA F 116 -25.77 -12.95 24.60
CA ALA F 116 -24.83 -13.92 25.12
C ALA F 116 -25.58 -15.04 25.82
N VAL F 117 -25.24 -16.27 25.50
CA VAL F 117 -25.81 -17.46 26.13
C VAL F 117 -24.66 -18.27 26.73
N GLU F 118 -24.82 -18.68 27.99
CA GLU F 118 -23.77 -19.40 28.69
C GLU F 118 -23.83 -20.88 28.33
N VAL F 119 -22.80 -21.37 27.65
CA VAL F 119 -22.72 -22.75 27.21
C VAL F 119 -21.44 -23.36 27.77
N GLU F 120 -21.57 -24.51 28.42
CA GLU F 120 -20.42 -25.20 29.02
C GLU F 120 -20.42 -26.66 28.58
N GLY F 121 -19.23 -27.21 28.41
CA GLY F 121 -19.08 -28.60 28.04
C GLY F 121 -17.85 -29.23 28.65
N PRO F 122 -18.02 -30.33 29.39
CA PRO F 122 -16.86 -31.00 29.99
C PRO F 122 -15.91 -31.59 28.98
N ALA F 123 -16.35 -31.84 27.75
CA ALA F 123 -15.50 -32.48 26.76
C ALA F 123 -14.27 -31.63 26.44
N VAL F 124 -14.47 -30.32 26.26
CA VAL F 124 -13.35 -29.45 25.91
C VAL F 124 -12.37 -29.37 27.08
N GLU F 125 -12.88 -29.33 28.30
CA GLU F 125 -12.01 -29.32 29.47
C GLU F 125 -11.17 -30.59 29.52
N LYS F 126 -11.84 -31.75 29.50
CA LYS F 126 -11.13 -33.02 29.55
C LYS F 126 -10.08 -33.11 28.46
N TRP F 127 -10.41 -32.59 27.26
CA TRP F 127 -9.41 -32.55 26.20
C TRP F 127 -8.21 -31.70 26.62
N ALA F 128 -8.48 -30.56 27.26
CA ALA F 128 -7.41 -29.65 27.64
C ALA F 128 -6.45 -30.30 28.64
N GLU F 129 -6.98 -30.86 29.73
CA GLU F 129 -6.08 -31.53 30.66
C GLU F 129 -5.44 -32.78 30.07
N ALA F 130 -6.13 -33.49 29.16
CA ALA F 130 -5.51 -34.64 28.51
C ALA F 130 -4.29 -34.23 27.72
N ILE F 131 -4.41 -33.18 26.91
CA ILE F 131 -3.28 -32.70 26.12
C ILE F 131 -2.18 -32.17 27.04
N ALA F 132 -2.55 -31.44 28.08
CA ALA F 132 -1.55 -30.92 29.01
C ALA F 132 -0.77 -32.04 29.66
N ALA F 133 -1.44 -33.16 29.97
CA ALA F 133 -0.75 -34.29 30.57
C ALA F 133 0.16 -34.98 29.56
N GLU F 134 -0.35 -35.25 28.35
CA GLU F 134 0.42 -36.08 27.42
C GLU F 134 1.55 -35.28 26.77
N HIS F 135 1.46 -33.95 26.78
CA HIS F 135 2.60 -33.11 26.45
C HIS F 135 3.37 -32.65 27.69
N GLY F 136 2.92 -33.01 28.88
CA GLY F 136 3.67 -32.67 30.08
C GLY F 136 3.60 -31.23 30.50
N TYR F 137 2.69 -30.44 29.93
CA TYR F 137 2.56 -29.04 30.35
C TYR F 137 2.10 -28.96 31.79
N VAL F 138 2.68 -28.03 32.54
CA VAL F 138 2.45 -27.93 33.98
C VAL F 138 1.03 -27.43 34.24
N ASN F 139 0.74 -26.21 33.80
CA ASN F 139 -0.59 -25.62 33.96
C ASN F 139 -1.00 -24.93 32.68
N VAL F 140 -2.30 -24.96 32.39
CA VAL F 140 -2.84 -24.43 31.15
C VAL F 140 -4.02 -23.52 31.48
N ALA F 141 -4.05 -22.36 30.83
CA ALA F 141 -5.19 -21.45 30.90
C ALA F 141 -5.79 -21.36 29.50
N HIS F 142 -6.99 -21.92 29.34
CA HIS F 142 -7.62 -22.06 28.03
C HIS F 142 -8.71 -21.02 27.87
N THR F 143 -8.87 -20.55 26.64
CA THR F 143 -9.96 -19.66 26.26
C THR F 143 -10.71 -20.28 25.09
N VAL F 144 -12.05 -20.32 25.21
CA VAL F 144 -12.90 -20.86 24.17
C VAL F 144 -13.99 -19.84 23.86
N GLU F 145 -14.04 -19.39 22.61
CA GLU F 145 -15.06 -18.45 22.16
C GLU F 145 -15.35 -18.74 20.71
N ILE F 146 -16.63 -18.77 20.35
CA ILE F 146 -17.07 -19.12 19.00
C ILE F 146 -17.96 -18.02 18.46
N PHE F 147 -17.72 -17.63 17.21
CA PHE F 147 -18.50 -16.63 16.52
C PHE F 147 -19.46 -17.30 15.54
N GLY F 148 -20.67 -16.73 15.42
CA GLY F 148 -21.65 -17.27 14.49
C GLY F 148 -22.67 -16.22 14.12
N THR F 149 -23.32 -16.45 12.97
CA THR F 149 -24.36 -15.55 12.48
C THR F 149 -25.66 -15.84 13.21
N CYS F 150 -26.27 -14.80 13.75
CA CYS F 150 -27.45 -14.97 14.60
C CYS F 150 -28.62 -15.51 13.80
N ALA F 151 -29.55 -16.17 14.50
CA ALA F 151 -30.64 -16.87 13.83
C ALA F 151 -31.57 -15.91 13.10
N ASP F 152 -32.01 -14.85 13.79
CA ASP F 152 -32.99 -13.95 13.21
C ASP F 152 -32.36 -12.86 12.35
N CYS F 153 -31.04 -12.82 12.23
CA CYS F 153 -30.39 -11.82 11.38
C CYS F 153 -30.78 -12.00 9.92
N ALA F 154 -30.82 -13.25 9.44
CA ALA F 154 -31.21 -13.50 8.06
C ALA F 154 -32.65 -13.06 7.81
N GLY F 155 -33.55 -13.34 8.75
CA GLY F 155 -34.93 -12.92 8.60
C GLY F 155 -35.05 -11.42 8.65
N ALA F 156 -35.70 -10.85 7.63
CA ALA F 156 -35.89 -9.40 7.55
C ALA F 156 -37.15 -9.05 6.77
N PRO G 26 22.31 19.58 -23.23
CA PRO G 26 22.65 18.40 -22.44
C PRO G 26 22.42 17.09 -23.20
N PRO G 27 23.32 16.76 -24.12
CA PRO G 27 23.17 15.51 -24.88
C PRO G 27 23.25 14.30 -23.96
N VAL G 28 22.51 13.26 -24.32
CA VAL G 28 22.49 12.02 -23.56
C VAL G 28 23.45 11.04 -24.21
N LYS G 29 24.03 10.16 -23.39
CA LYS G 29 25.06 9.24 -23.87
C LYS G 29 24.53 8.29 -24.93
N GLY G 30 23.31 7.80 -24.76
CA GLY G 30 22.73 6.82 -25.64
C GLY G 30 22.19 7.42 -26.92
N ARG G 31 21.39 6.62 -27.63
CA ARG G 31 20.80 7.04 -28.89
C ARG G 31 19.86 8.22 -28.66
N ALA G 32 19.96 9.22 -29.53
CA ALA G 32 19.08 10.37 -29.44
C ALA G 32 17.66 9.98 -29.83
N THR G 33 16.69 10.51 -29.08
CA THR G 33 15.28 10.22 -29.35
C THR G 33 14.46 11.44 -28.96
N ARG G 34 13.23 11.47 -29.45
CA ARG G 34 12.37 12.62 -29.20
C ARG G 34 11.94 12.74 -27.75
N GLN G 35 11.71 11.62 -27.06
CA GLN G 35 11.34 11.67 -25.65
C GLN G 35 12.44 12.25 -24.78
N ARG G 36 13.68 12.26 -25.26
CA ARG G 36 14.77 12.87 -24.52
C ARG G 36 15.06 14.29 -25.01
N ALA G 37 14.91 14.54 -26.31
CA ALA G 37 15.05 15.90 -26.82
C ALA G 37 14.00 16.81 -26.21
N ALA G 38 12.79 16.30 -25.98
CA ALA G 38 11.76 17.11 -25.33
C ALA G 38 12.16 17.48 -23.91
N VAL G 39 12.72 16.55 -23.15
CA VAL G 39 13.17 16.84 -21.79
C VAL G 39 14.27 17.88 -21.81
N SER G 40 15.24 17.72 -22.72
CA SER G 40 16.33 18.69 -22.81
C SER G 40 15.82 20.08 -23.15
N ALA G 41 14.88 20.17 -24.10
CA ALA G 41 14.32 21.47 -24.46
C ALA G 41 13.57 22.09 -23.29
N ALA G 42 12.80 21.29 -22.56
CA ALA G 42 12.07 21.82 -21.42
C ALA G 42 13.03 22.35 -20.35
N LEU G 43 14.10 21.61 -20.09
CA LEU G 43 15.07 22.08 -19.10
C LEU G 43 15.75 23.37 -19.55
N GLN G 44 16.11 23.46 -20.84
CA GLN G 44 16.72 24.70 -21.33
C GLN G 44 15.74 25.86 -21.30
N GLU G 45 14.43 25.58 -21.35
CA GLU G 45 13.45 26.66 -21.43
C GLU G 45 13.39 27.45 -20.13
N VAL G 46 13.29 26.77 -18.98
CA VAL G 46 13.08 27.43 -17.69
C VAL G 46 14.38 27.55 -16.93
N GLU G 47 14.37 28.37 -15.89
CA GLU G 47 15.55 28.61 -15.07
C GLU G 47 15.36 28.19 -13.61
N GLU G 48 14.11 28.01 -13.17
CA GLU G 48 13.86 27.67 -11.78
C GLU G 48 14.22 26.21 -11.51
N PHE G 49 14.42 25.90 -10.23
CA PHE G 49 14.53 24.50 -9.81
C PHE G 49 13.16 23.84 -9.86
N ARG G 50 13.10 22.62 -10.38
CA ARG G 50 11.84 21.88 -10.42
C ARG G 50 12.11 20.39 -10.38
N SER G 51 11.24 19.67 -9.67
CA SER G 51 11.38 18.23 -9.53
C SER G 51 10.91 17.52 -10.80
N ALA G 52 11.15 16.21 -10.83
CA ALA G 52 10.78 15.43 -12.01
C ALA G 52 9.28 15.38 -12.23
N GLN G 53 8.48 15.55 -11.19
CA GLN G 53 7.03 15.41 -11.29
C GLN G 53 6.37 16.71 -11.71
N GLU G 54 6.86 17.85 -11.18
CA GLU G 54 6.46 19.15 -11.70
C GLU G 54 6.89 19.32 -13.16
N LEU G 55 8.12 18.90 -13.48
CA LEU G 55 8.60 18.95 -14.85
C LEU G 55 7.75 18.05 -15.75
N HIS G 56 7.35 16.89 -15.25
CA HIS G 56 6.49 16.00 -16.02
C HIS G 56 5.14 16.66 -16.31
N ASP G 57 4.55 17.33 -15.31
CA ASP G 57 3.29 18.02 -15.56
C ASP G 57 3.44 19.13 -16.59
N MET G 58 4.52 19.90 -16.50
CA MET G 58 4.73 20.98 -17.46
C MET G 58 4.92 20.42 -18.87
N LEU G 59 5.71 19.34 -19.00
CA LEU G 59 5.90 18.69 -20.28
C LEU G 59 4.60 18.18 -20.86
N LYS G 60 3.76 17.57 -20.01
CA LYS G 60 2.49 17.03 -20.49
C LYS G 60 1.56 18.14 -20.98
N HIS G 61 1.43 19.22 -20.20
CA HIS G 61 0.51 20.28 -20.60
C HIS G 61 1.07 21.15 -21.72
N LYS G 62 2.37 21.07 -21.98
CA LYS G 62 2.94 21.77 -23.14
C LYS G 62 2.51 21.13 -24.45
N GLY G 63 2.30 19.82 -24.45
CA GLY G 63 1.96 19.08 -25.64
C GLY G 63 2.97 18.05 -26.09
N ASP G 64 3.71 17.43 -25.18
CA ASP G 64 4.76 16.48 -25.53
C ASP G 64 4.40 15.04 -25.16
N ALA G 65 3.73 14.82 -24.03
CA ALA G 65 3.26 13.51 -23.61
C ALA G 65 4.41 12.52 -23.44
N VAL G 66 5.22 12.80 -22.42
CA VAL G 66 6.32 11.92 -22.02
C VAL G 66 5.94 11.23 -20.71
N GLY G 67 6.34 9.96 -20.59
CA GLY G 67 6.06 9.22 -19.36
C GLY G 67 6.91 9.69 -18.20
N LEU G 68 6.42 9.40 -16.99
CA LEU G 68 7.10 9.88 -15.79
C LEU G 68 8.38 9.11 -15.51
N THR G 69 8.35 7.79 -15.67
CA THR G 69 9.54 6.99 -15.41
C THR G 69 10.68 7.42 -16.33
N THR G 70 10.38 7.73 -17.58
CA THR G 70 11.42 8.17 -18.51
C THR G 70 11.95 9.54 -18.14
N VAL G 71 11.09 10.42 -17.64
CA VAL G 71 11.57 11.72 -17.17
C VAL G 71 12.54 11.52 -16.01
N TYR G 72 12.18 10.66 -15.06
CA TYR G 72 13.07 10.34 -13.95
C TYR G 72 14.41 9.80 -14.46
N ARG G 73 14.36 8.85 -15.39
CA ARG G 73 15.58 8.23 -15.89
C ARG G 73 16.46 9.24 -16.62
N THR G 74 15.86 10.09 -17.45
CA THR G 74 16.65 11.08 -18.18
C THR G 74 17.30 12.08 -17.23
N LEU G 75 16.56 12.53 -16.21
CA LEU G 75 17.16 13.45 -15.25
C LEU G 75 18.29 12.79 -14.48
N GLN G 76 18.11 11.53 -14.09
CA GLN G 76 19.20 10.80 -13.42
C GLN G 76 20.43 10.73 -14.30
N SER G 77 20.24 10.40 -15.59
CA SER G 77 21.38 10.29 -16.50
C SER G 77 22.06 11.63 -16.69
N LEU G 78 21.29 12.70 -16.86
CA LEU G 78 21.88 14.02 -17.03
C LEU G 78 22.67 14.45 -15.80
N ALA G 79 22.10 14.21 -14.61
CA ALA G 79 22.80 14.57 -13.38
C ALA G 79 24.08 13.75 -13.21
N ASP G 80 24.05 12.48 -13.60
CA ASP G 80 25.27 11.66 -13.56
C ASP G 80 26.32 12.23 -14.51
N ALA G 81 25.92 12.63 -15.70
CA ALA G 81 26.88 13.18 -16.65
C ALA G 81 27.38 14.56 -16.26
N GLY G 82 26.67 15.26 -15.38
CA GLY G 82 27.06 16.58 -14.93
C GLY G 82 26.39 17.73 -15.65
N GLU G 83 25.40 17.47 -16.49
CA GLU G 83 24.76 18.55 -17.25
C GLU G 83 23.86 19.41 -16.36
N VAL G 84 23.20 18.80 -15.39
CA VAL G 84 22.25 19.50 -14.55
C VAL G 84 22.76 19.52 -13.11
N ASP G 85 22.15 20.37 -12.29
CA ASP G 85 22.48 20.49 -10.88
C ASP G 85 21.29 20.01 -10.06
N VAL G 86 21.53 19.04 -9.18
CA VAL G 86 20.49 18.45 -8.36
C VAL G 86 20.47 19.17 -7.01
N LEU G 87 19.30 19.21 -6.39
CA LEU G 87 19.12 19.88 -5.11
C LEU G 87 17.95 19.26 -4.38
N ARG G 88 18.02 19.22 -3.06
CA ARG G 88 16.94 18.72 -2.22
C ARG G 88 16.31 19.87 -1.46
N THR G 89 14.99 19.99 -1.55
CA THR G 89 14.28 21.01 -0.79
C THR G 89 14.26 20.64 0.69
N ALA G 90 13.61 21.49 1.49
CA ALA G 90 13.50 21.21 2.91
C ALA G 90 12.72 19.92 3.17
N GLU G 91 11.62 19.72 2.43
CA GLU G 91 10.78 18.54 2.63
C GLU G 91 11.49 17.27 2.21
N GLY G 92 12.53 17.35 1.39
CA GLY G 92 13.32 16.21 0.99
C GLY G 92 13.12 15.75 -0.44
N GLU G 93 12.33 16.47 -1.24
CA GLU G 93 12.13 16.08 -2.63
C GLU G 93 13.19 16.74 -3.51
N SER G 94 13.81 15.94 -4.37
CA SER G 94 14.97 16.40 -5.12
C SER G 94 14.53 17.21 -6.33
N VAL G 95 15.14 18.38 -6.50
CA VAL G 95 14.80 19.30 -7.59
C VAL G 95 16.02 19.50 -8.47
N TYR G 96 15.77 19.96 -9.71
CA TYR G 96 16.80 20.03 -10.75
C TYR G 96 16.77 21.37 -11.45
N ARG G 97 17.84 21.67 -12.17
CA ARG G 97 17.97 22.93 -12.90
C ARG G 97 19.16 22.85 -13.85
N ARG G 98 18.98 23.38 -15.06
CA ARG G 98 20.06 23.48 -16.03
C ARG G 98 20.69 24.87 -15.93
N CYS G 99 21.90 24.93 -15.37
CA CYS G 99 22.57 26.19 -15.08
C CYS G 99 23.42 26.63 -16.26
N SER G 100 23.59 27.94 -16.38
CA SER G 100 24.36 28.49 -17.50
C SER G 100 25.84 28.14 -17.38
N THR G 101 26.43 28.32 -16.21
CA THR G 101 27.87 28.12 -16.02
C THR G 101 28.17 26.66 -15.76
N GLY G 102 29.17 26.14 -16.47
CA GLY G 102 29.62 24.78 -16.27
C GLY G 102 30.73 24.61 -15.25
N ASP G 103 31.14 25.70 -14.59
CA ASP G 103 32.22 25.65 -13.63
C ASP G 103 31.68 25.41 -12.22
N HIS G 104 32.60 25.23 -11.28
CA HIS G 104 32.22 25.05 -9.87
C HIS G 104 31.49 26.29 -9.37
N HIS G 105 30.35 26.08 -8.73
CA HIS G 105 29.49 27.20 -8.38
C HIS G 105 28.53 26.78 -7.27
N HIS G 106 27.95 27.79 -6.62
CA HIS G 106 26.97 27.62 -5.56
C HIS G 106 25.74 28.46 -5.89
N HIS G 107 24.60 28.07 -5.32
CA HIS G 107 23.31 28.62 -5.71
C HIS G 107 22.68 29.35 -4.54
N LEU G 108 22.11 30.52 -4.83
CA LEU G 108 21.22 31.23 -3.92
C LEU G 108 19.80 31.09 -4.43
N VAL G 109 18.89 30.64 -3.56
CA VAL G 109 17.55 30.26 -3.98
C VAL G 109 16.52 31.01 -3.13
N CYS G 110 15.36 31.26 -3.72
CA CYS G 110 14.21 31.84 -3.03
C CYS G 110 13.06 30.87 -3.17
N ARG G 111 12.72 30.19 -2.06
CA ARG G 111 11.67 29.18 -2.09
C ARG G 111 10.30 29.77 -2.43
N ALA G 112 10.12 31.08 -2.21
CA ALA G 112 8.86 31.72 -2.55
C ALA G 112 8.71 31.96 -4.05
N CYS G 113 9.82 32.13 -4.76
CA CYS G 113 9.79 32.41 -6.19
C CYS G 113 10.53 31.39 -7.04
N GLY G 114 11.58 30.78 -6.52
CA GLY G 114 12.31 29.75 -7.24
C GLY G 114 13.47 30.23 -8.09
N LYS G 115 13.69 31.54 -8.21
CA LYS G 115 14.85 32.00 -8.95
C LYS G 115 16.13 31.59 -8.26
N ALA G 116 17.10 31.16 -9.06
CA ALA G 116 18.41 30.75 -8.56
C ALA G 116 19.44 31.75 -9.02
N VAL G 117 20.33 32.15 -8.12
CA VAL G 117 21.35 33.15 -8.39
C VAL G 117 22.72 32.47 -8.31
N GLU G 118 23.56 32.72 -9.30
CA GLU G 118 24.87 32.09 -9.41
C GLU G 118 25.88 32.87 -8.59
N VAL G 119 26.38 32.27 -7.52
CA VAL G 119 27.40 32.87 -6.68
C VAL G 119 28.50 31.84 -6.43
N GLU G 120 29.76 32.29 -6.54
CA GLU G 120 30.91 31.44 -6.33
C GLU G 120 31.90 32.15 -5.43
N GLY G 121 32.45 31.43 -4.46
CA GLY G 121 33.42 31.99 -3.53
C GLY G 121 34.56 31.06 -3.23
N PRO G 122 35.79 31.54 -3.47
CA PRO G 122 36.97 30.71 -3.12
C PRO G 122 37.24 30.64 -1.63
N ALA G 123 36.68 31.56 -0.84
CA ALA G 123 36.96 31.56 0.60
C ALA G 123 36.44 30.30 1.27
N VAL G 124 35.23 29.86 0.92
CA VAL G 124 34.69 28.65 1.51
C VAL G 124 35.48 27.43 1.06
N GLU G 125 35.96 27.44 -0.19
CA GLU G 125 36.83 26.35 -0.65
C GLU G 125 38.10 26.28 0.19
N LYS G 126 38.76 27.43 0.39
CA LYS G 126 39.97 27.46 1.19
C LYS G 126 39.71 27.00 2.62
N TRP G 127 38.57 27.42 3.18
CA TRP G 127 38.17 26.94 4.50
C TRP G 127 38.00 25.43 4.50
N ALA G 128 37.43 24.88 3.42
CA ALA G 128 37.26 23.43 3.34
C ALA G 128 38.59 22.71 3.34
N GLU G 129 39.55 23.17 2.54
CA GLU G 129 40.86 22.50 2.54
C GLU G 129 41.55 22.69 3.89
N ALA G 130 41.38 23.86 4.52
CA ALA G 130 41.98 24.09 5.82
C ALA G 130 41.44 23.12 6.86
N ILE G 131 40.12 22.95 6.92
CA ILE G 131 39.52 22.02 7.88
C ILE G 131 39.95 20.59 7.58
N ALA G 132 39.96 20.21 6.30
CA ALA G 132 40.37 18.86 5.95
C ALA G 132 41.81 18.59 6.37
N ALA G 133 42.71 19.54 6.14
CA ALA G 133 44.10 19.37 6.53
C ALA G 133 44.25 19.33 8.05
N GLU G 134 43.52 20.20 8.76
CA GLU G 134 43.63 20.23 10.22
C GLU G 134 43.14 18.93 10.84
N HIS G 135 42.02 18.39 10.33
CA HIS G 135 41.47 17.17 10.88
C HIS G 135 41.94 15.92 10.13
N GLY G 136 42.79 16.08 9.12
CA GLY G 136 43.44 14.94 8.49
C GLY G 136 42.57 14.10 7.58
N TYR G 137 41.46 14.63 7.08
CA TYR G 137 40.59 13.85 6.21
C TYR G 137 41.17 13.79 4.79
N VAL G 138 40.88 12.70 4.09
CA VAL G 138 41.49 12.45 2.78
C VAL G 138 40.87 13.35 1.72
N ASN G 139 39.57 13.21 1.48
CA ASN G 139 38.87 13.97 0.46
C ASN G 139 37.70 14.70 1.09
N VAL G 140 37.31 15.80 0.47
CA VAL G 140 36.26 16.68 1.00
C VAL G 140 35.20 16.90 -0.07
N ALA G 141 33.95 16.95 0.37
CA ALA G 141 32.82 17.29 -0.49
C ALA G 141 31.91 18.23 0.28
N HIS G 142 31.90 19.50 -0.11
CA HIS G 142 31.14 20.52 0.58
C HIS G 142 29.76 20.67 -0.05
N THR G 143 28.73 20.62 0.78
CA THR G 143 27.35 20.82 0.35
C THR G 143 26.86 22.12 0.98
N VAL G 144 27.13 23.23 0.31
CA VAL G 144 26.83 24.57 0.80
C VAL G 144 25.68 25.11 -0.02
N GLU G 145 24.63 25.56 0.65
CA GLU G 145 23.46 26.10 -0.02
C GLU G 145 22.87 27.22 0.82
N ILE G 146 22.71 28.40 0.22
CA ILE G 146 22.24 29.57 0.96
C ILE G 146 20.79 29.84 0.61
N PHE G 147 19.87 29.48 1.50
CA PHE G 147 18.42 29.75 1.27
C PHE G 147 18.11 31.20 1.67
N GLY G 148 17.13 31.85 1.02
CA GLY G 148 16.86 33.27 1.31
C GLY G 148 15.49 33.75 0.87
N THR G 149 15.08 34.95 1.31
CA THR G 149 13.77 35.55 0.87
C THR G 149 14.03 36.87 0.15
N CYS G 150 13.42 37.11 -1.01
CA CYS G 150 13.67 38.35 -1.79
C CYS G 150 13.08 39.58 -1.09
N ALA G 151 13.65 40.76 -1.34
CA ALA G 151 13.08 42.01 -0.79
C ALA G 151 11.69 42.22 -1.38
N ASP G 152 11.53 41.94 -2.69
CA ASP G 152 10.21 42.09 -3.36
C ASP G 152 9.22 41.12 -2.71
N CYS G 153 9.67 39.91 -2.35
CA CYS G 153 8.78 38.91 -1.71
C CYS G 153 8.28 39.45 -0.35
N ALA G 154 9.16 40.11 0.41
CA ALA G 154 8.76 40.68 1.71
C ALA G 154 7.67 41.74 1.50
N GLY G 155 7.81 42.56 0.46
CA GLY G 155 6.78 43.58 0.14
C GLY G 155 5.46 42.93 -0.24
N ALA G 156 4.35 43.49 0.22
CA ALA G 156 3.02 42.94 -0.08
C ALA G 156 2.15 44.00 -0.76
N PRO H 26 18.76 17.67 28.23
CA PRO H 26 17.83 18.21 27.23
C PRO H 26 16.37 18.14 27.70
N PRO H 27 15.90 19.20 28.35
CA PRO H 27 14.50 19.20 28.80
C PRO H 27 13.53 19.15 27.62
N VAL H 28 12.42 18.46 27.83
CA VAL H 28 11.38 18.32 26.81
C VAL H 28 10.19 19.16 27.25
N LYS H 29 9.50 19.75 26.26
CA LYS H 29 8.43 20.70 26.54
C LYS H 29 7.28 20.06 27.33
N GLY H 30 7.05 18.76 27.13
CA GLY H 30 5.95 18.09 27.79
C GLY H 30 6.24 17.78 29.25
N ARG H 31 5.24 17.19 29.91
CA ARG H 31 5.40 16.82 31.30
C ARG H 31 6.47 15.74 31.45
N ALA H 32 7.17 15.79 32.57
CA ALA H 32 8.28 14.86 32.79
C ALA H 32 7.79 13.42 32.83
N THR H 33 8.35 12.58 31.97
CA THR H 33 7.94 11.18 31.91
C THR H 33 9.13 10.33 31.51
N ARG H 34 9.03 9.04 31.82
CA ARG H 34 10.14 8.11 31.64
C ARG H 34 10.46 7.85 30.17
N GLN H 35 9.48 7.98 29.27
CA GLN H 35 9.77 7.82 27.85
C GLN H 35 10.70 8.93 27.36
N ARG H 36 10.37 10.17 27.69
CA ARG H 36 11.24 11.30 27.37
C ARG H 36 12.60 11.16 28.04
N ALA H 37 12.61 10.75 29.31
CA ALA H 37 13.89 10.58 30.01
C ALA H 37 14.76 9.54 29.32
N ALA H 38 14.15 8.43 28.88
CA ALA H 38 14.92 7.37 28.24
C ALA H 38 15.44 7.81 26.88
N VAL H 39 14.62 8.50 26.08
CA VAL H 39 15.11 8.97 24.80
C VAL H 39 16.23 9.99 24.98
N SER H 40 16.10 10.89 25.95
CA SER H 40 17.16 11.87 26.20
C SER H 40 18.45 11.19 26.65
N ALA H 41 18.34 10.19 27.53
CA ALA H 41 19.54 9.47 27.97
C ALA H 41 20.19 8.73 26.80
N ALA H 42 19.38 8.11 25.94
CA ALA H 42 19.95 7.42 24.78
C ALA H 42 20.66 8.40 23.85
N LEU H 43 20.08 9.59 23.66
CA LEU H 43 20.75 10.61 22.87
C LEU H 43 22.07 11.02 23.51
N GLN H 44 22.08 11.18 24.84
CA GLN H 44 23.28 11.62 25.52
C GLN H 44 24.39 10.58 25.41
N GLU H 45 24.03 9.29 25.48
CA GLU H 45 25.06 8.25 25.52
C GLU H 45 25.87 8.19 24.23
N VAL H 46 25.22 8.30 23.08
CA VAL H 46 25.88 8.10 21.80
C VAL H 46 26.38 9.43 21.28
N GLU H 47 27.41 9.37 20.42
CA GLU H 47 28.03 10.55 19.84
C GLU H 47 28.05 10.55 18.32
N GLU H 48 27.28 9.66 17.70
CA GLU H 48 27.25 9.51 16.25
C GLU H 48 25.87 9.88 15.72
N PHE H 49 25.84 10.55 14.55
CA PHE H 49 24.58 10.87 13.90
C PHE H 49 23.79 9.60 13.63
N ARG H 50 22.64 9.46 14.29
CA ARG H 50 21.83 8.24 14.18
C ARG H 50 20.38 8.62 13.95
N SER H 51 19.70 7.87 13.09
CA SER H 51 18.32 8.16 12.75
C SER H 51 17.38 7.77 13.89
N ALA H 52 16.10 8.07 13.70
CA ALA H 52 15.09 7.68 14.69
C ALA H 52 14.86 6.18 14.66
N GLN H 53 14.92 5.57 13.46
CA GLN H 53 14.69 4.14 13.36
C GLN H 53 15.84 3.34 13.97
N GLU H 54 17.06 3.85 13.87
CA GLU H 54 18.20 3.20 14.50
C GLU H 54 18.25 3.49 15.99
N LEU H 55 17.85 4.70 16.39
CA LEU H 55 17.76 5.02 17.81
C LEU H 55 16.75 4.13 18.51
N HIS H 56 15.62 3.83 17.85
CA HIS H 56 14.64 2.94 18.43
C HIS H 56 15.21 1.54 18.64
N ASP H 57 15.97 1.03 17.67
CA ASP H 57 16.57 -0.30 17.83
C ASP H 57 17.59 -0.31 18.97
N MET H 58 18.38 0.76 19.09
CA MET H 58 19.31 0.86 20.20
C MET H 58 18.58 0.83 21.54
N LEU H 59 17.48 1.58 21.64
CA LEU H 59 16.70 1.59 22.87
C LEU H 59 16.07 0.23 23.14
N LYS H 60 15.60 -0.43 22.09
CA LYS H 60 14.98 -1.74 22.24
C LYS H 60 15.98 -2.76 22.77
N HIS H 61 17.21 -2.73 22.27
CA HIS H 61 18.21 -3.66 22.78
C HIS H 61 18.72 -3.29 24.16
N LYS H 62 18.79 -1.99 24.48
CA LYS H 62 19.23 -1.58 25.80
C LYS H 62 18.23 -1.94 26.89
N GLY H 63 16.98 -2.21 26.53
CA GLY H 63 15.95 -2.56 27.49
C GLY H 63 14.91 -1.51 27.75
N ASP H 64 14.85 -0.44 26.96
CA ASP H 64 13.91 0.64 27.21
C ASP H 64 12.48 0.23 26.91
N ALA H 65 12.27 -0.41 25.76
CA ALA H 65 10.93 -0.78 25.28
C ALA H 65 10.05 0.46 25.12
N VAL H 66 10.45 1.32 24.18
CA VAL H 66 9.68 2.51 23.80
C VAL H 66 9.28 2.38 22.34
N GLY H 67 8.06 2.80 22.03
CA GLY H 67 7.55 2.67 20.68
C GLY H 67 8.23 3.59 19.70
N LEU H 68 8.06 3.29 18.41
CA LEU H 68 8.76 4.02 17.37
C LEU H 68 8.12 5.39 17.12
N THR H 69 6.79 5.47 17.15
CA THR H 69 6.14 6.75 16.90
C THR H 69 6.49 7.76 17.98
N THR H 70 6.59 7.30 19.23
CA THR H 70 6.99 8.19 20.32
C THR H 70 8.41 8.68 20.12
N VAL H 71 9.31 7.82 19.65
CA VAL H 71 10.67 8.26 19.35
C VAL H 71 10.64 9.34 18.28
N TYR H 72 9.85 9.13 17.23
CA TYR H 72 9.73 10.12 16.17
C TYR H 72 9.28 11.48 16.73
N ARG H 73 8.19 11.48 17.48
CA ARG H 73 7.64 12.77 17.92
C ARG H 73 8.49 13.41 19.01
N THR H 74 9.17 12.62 19.85
CA THR H 74 10.07 13.21 20.84
C THR H 74 11.29 13.83 20.19
N LEU H 75 11.84 13.17 19.16
CA LEU H 75 12.95 13.78 18.44
C LEU H 75 12.50 15.05 17.73
N GLN H 76 11.29 15.06 17.18
CA GLN H 76 10.79 16.30 16.60
C GLN H 76 10.66 17.40 17.65
N SER H 77 10.15 17.06 18.83
CA SER H 77 10.00 18.07 19.88
C SER H 77 11.35 18.64 20.28
N LEU H 78 12.36 17.77 20.44
CA LEU H 78 13.69 18.25 20.75
C LEU H 78 14.25 19.11 19.63
N ALA H 79 14.02 18.71 18.37
CA ALA H 79 14.56 19.45 17.24
C ALA H 79 14.00 20.86 17.17
N ASP H 80 12.68 21.01 17.33
CA ASP H 80 12.14 22.37 17.41
C ASP H 80 12.54 23.08 18.70
N ALA H 81 12.89 22.33 19.74
CA ALA H 81 13.41 22.97 20.95
C ALA H 81 14.85 23.43 20.79
N GLY H 82 15.54 22.95 19.75
CA GLY H 82 16.91 23.36 19.48
C GLY H 82 17.98 22.58 20.20
N GLU H 83 17.60 21.67 21.09
CA GLU H 83 18.59 20.94 21.88
C GLU H 83 19.33 19.89 21.08
N VAL H 84 18.88 19.57 19.86
CA VAL H 84 19.55 18.60 19.00
C VAL H 84 19.75 19.22 17.63
N ASP H 85 20.68 18.65 16.87
CA ASP H 85 21.03 19.14 15.53
C ASP H 85 20.59 18.13 14.50
N VAL H 86 19.59 18.51 13.70
CA VAL H 86 19.05 17.63 12.67
C VAL H 86 19.96 17.66 11.45
N LEU H 87 19.96 16.56 10.70
CA LEU H 87 20.74 16.50 9.49
C LEU H 87 20.09 15.50 8.55
N ARG H 88 20.42 15.59 7.27
CA ARG H 88 19.87 14.73 6.24
C ARG H 88 20.97 13.89 5.61
N THR H 89 20.68 12.60 5.43
CA THR H 89 21.64 11.74 4.76
C THR H 89 21.50 11.91 3.25
N ALA H 90 22.38 11.23 2.50
CA ALA H 90 22.34 11.34 1.05
C ALA H 90 21.06 10.74 0.48
N GLU H 91 20.61 9.59 1.00
CA GLU H 91 19.46 8.92 0.41
C GLU H 91 18.13 9.51 0.86
N GLY H 92 18.11 10.38 1.87
CA GLY H 92 16.93 11.15 2.24
C GLY H 92 16.49 10.99 3.68
N GLU H 93 17.01 10.01 4.40
CA GLU H 93 16.65 9.83 5.79
C GLU H 93 17.31 10.90 6.65
N SER H 94 16.55 11.48 7.58
CA SER H 94 17.06 12.52 8.45
C SER H 94 17.66 11.92 9.71
N VAL H 95 18.89 12.31 10.04
CA VAL H 95 19.62 11.76 11.17
C VAL H 95 19.79 12.84 12.23
N TYR H 96 20.02 12.39 13.47
CA TYR H 96 20.10 13.28 14.63
C TYR H 96 21.34 12.96 15.46
N ARG H 97 21.82 13.96 16.19
CA ARG H 97 22.97 13.81 17.07
C ARG H 97 22.92 14.91 18.13
N ARG H 98 23.29 14.56 19.36
CA ARG H 98 23.34 15.51 20.45
C ARG H 98 24.73 16.12 20.54
N CYS H 99 24.83 17.42 20.30
CA CYS H 99 26.09 18.14 20.32
C CYS H 99 26.18 18.99 21.57
N SER H 100 27.30 18.87 22.29
CA SER H 100 27.44 19.57 23.58
C SER H 100 27.54 21.08 23.40
N THR H 101 28.19 21.54 22.34
CA THR H 101 28.38 22.97 22.14
C THR H 101 27.03 23.65 21.89
N GLY H 102 26.78 24.75 22.60
CA GLY H 102 25.51 25.45 22.46
C GLY H 102 25.50 26.52 21.40
N ASP H 103 26.69 26.99 20.99
CA ASP H 103 26.75 28.06 20.00
C ASP H 103 26.57 27.51 18.59
N HIS H 104 26.32 28.43 17.65
CA HIS H 104 26.11 28.03 16.26
C HIS H 104 27.38 27.46 15.66
N HIS H 105 27.24 26.37 14.93
CA HIS H 105 28.39 25.64 14.41
C HIS H 105 27.95 24.80 13.21
N HIS H 106 28.93 24.23 12.53
CA HIS H 106 28.70 23.40 11.36
C HIS H 106 29.48 22.10 11.52
N HIS H 107 29.01 21.05 10.85
CA HIS H 107 29.40 19.69 11.14
C HIS H 107 30.26 19.10 10.03
N LEU H 108 31.23 18.29 10.42
CA LEU H 108 32.08 17.54 9.51
C LEU H 108 31.87 16.06 9.81
N VAL H 109 31.23 15.35 8.88
CA VAL H 109 30.75 13.99 9.12
C VAL H 109 31.43 13.02 8.16
N CYS H 110 31.83 11.86 8.67
CA CYS H 110 32.40 10.78 7.88
C CYS H 110 31.31 9.75 7.63
N ARG H 111 30.97 9.53 6.36
CA ARG H 111 29.87 8.61 6.04
C ARG H 111 30.23 7.17 6.36
N ALA H 112 31.50 6.79 6.17
CA ALA H 112 31.90 5.40 6.41
C ALA H 112 31.80 5.02 7.89
N CYS H 113 32.17 5.93 8.79
CA CYS H 113 32.17 5.65 10.22
C CYS H 113 31.01 6.26 10.97
N GLY H 114 30.51 7.42 10.54
CA GLY H 114 29.47 8.12 11.25
C GLY H 114 29.98 9.14 12.26
N LYS H 115 31.26 9.10 12.60
CA LYS H 115 31.81 10.06 13.55
C LYS H 115 31.74 11.46 12.98
N ALA H 116 31.29 12.41 13.81
CA ALA H 116 31.11 13.79 13.39
C ALA H 116 31.89 14.71 14.31
N VAL H 117 32.55 15.70 13.72
CA VAL H 117 33.32 16.70 14.46
C VAL H 117 32.75 18.06 14.15
N GLU H 118 32.42 18.82 15.19
CA GLU H 118 31.88 20.16 15.00
C GLU H 118 33.00 21.13 14.67
N VAL H 119 32.72 22.04 13.72
CA VAL H 119 33.66 23.06 13.30
C VAL H 119 32.91 24.37 13.15
N GLU H 120 33.66 25.47 13.11
CA GLU H 120 33.06 26.79 12.92
C GLU H 120 34.08 27.68 12.24
N GLY H 121 33.62 28.46 11.26
CA GLY H 121 34.46 29.41 10.57
C GLY H 121 33.72 30.70 10.28
N PRO H 122 34.30 31.83 10.69
CA PRO H 122 33.65 33.12 10.41
C PRO H 122 33.56 33.45 8.93
N ALA H 123 34.35 32.78 8.08
CA ALA H 123 34.36 33.09 6.66
C ALA H 123 33.01 32.82 6.03
N VAL H 124 32.36 31.72 6.38
CA VAL H 124 31.07 31.39 5.78
C VAL H 124 30.01 32.40 6.21
N GLU H 125 30.03 32.82 7.49
CA GLU H 125 29.10 33.83 7.95
C GLU H 125 29.32 35.15 7.22
N LYS H 126 30.58 35.53 7.03
CA LYS H 126 30.88 36.76 6.30
C LYS H 126 30.39 36.68 4.86
N TRP H 127 30.60 35.53 4.21
CA TRP H 127 30.15 35.38 2.83
C TRP H 127 28.63 35.45 2.74
N ALA H 128 27.93 34.80 3.67
CA ALA H 128 26.47 34.83 3.66
C ALA H 128 25.96 36.25 3.84
N GLU H 129 26.55 36.99 4.79
CA GLU H 129 26.15 38.37 4.99
C GLU H 129 26.42 39.22 3.76
N ALA H 130 27.58 39.00 3.11
CA ALA H 130 27.91 39.76 1.92
C ALA H 130 26.93 39.49 0.79
N ILE H 131 26.58 38.22 0.57
CA ILE H 131 25.63 37.88 -0.48
C ILE H 131 24.26 38.48 -0.18
N ALA H 132 23.81 38.39 1.07
CA ALA H 132 22.52 38.95 1.44
C ALA H 132 22.50 40.46 1.22
N ALA H 133 23.58 41.14 1.58
CA ALA H 133 23.64 42.59 1.37
C ALA H 133 23.69 42.94 -0.12
N GLU H 134 24.44 42.17 -0.91
CA GLU H 134 24.60 42.49 -2.32
C GLU H 134 23.30 42.28 -3.10
N HIS H 135 22.62 41.16 -2.86
CA HIS H 135 21.46 40.80 -3.66
C HIS H 135 20.14 41.25 -3.04
N GLY H 136 20.19 41.97 -1.93
CA GLY H 136 18.99 42.59 -1.37
C GLY H 136 18.05 41.67 -0.65
N TYR H 137 18.44 40.43 -0.39
CA TYR H 137 17.58 39.51 0.34
C TYR H 137 17.41 39.98 1.78
N VAL H 138 16.19 39.82 2.31
CA VAL H 138 15.88 40.35 3.63
C VAL H 138 16.56 39.52 4.71
N ASN H 139 16.19 38.25 4.81
CA ASN H 139 16.78 37.34 5.78
C ASN H 139 17.13 36.02 5.10
N VAL H 140 18.18 35.36 5.59
CA VAL H 140 18.72 34.17 4.96
C VAL H 140 18.94 33.10 6.01
N ALA H 141 19.04 31.86 5.53
CA ALA H 141 19.45 30.73 6.35
C ALA H 141 20.41 29.89 5.53
N HIS H 142 21.57 29.57 6.11
CA HIS H 142 22.62 28.84 5.40
C HIS H 142 22.82 27.47 6.02
N THR H 143 22.98 26.47 5.15
CA THR H 143 23.31 25.11 5.58
C THR H 143 24.69 24.77 5.00
N VAL H 144 25.63 24.42 5.88
CA VAL H 144 27.00 24.13 5.49
C VAL H 144 27.42 22.84 6.16
N GLU H 145 27.55 21.77 5.38
CA GLU H 145 28.04 20.49 5.87
C GLU H 145 29.05 19.95 4.87
N ILE H 146 30.19 19.49 5.36
CA ILE H 146 31.24 18.94 4.52
C ILE H 146 31.41 17.46 4.85
N PHE H 147 31.43 16.62 3.82
CA PHE H 147 31.51 15.18 3.99
C PHE H 147 32.86 14.69 3.50
N GLY H 148 33.54 13.89 4.33
CA GLY H 148 34.82 13.35 3.96
C GLY H 148 35.15 12.12 4.80
N THR H 149 36.10 11.34 4.31
CA THR H 149 36.52 10.13 5.00
C THR H 149 37.70 10.45 5.91
N CYS H 150 37.72 9.79 7.07
CA CYS H 150 38.75 10.05 8.07
C CYS H 150 39.93 9.11 7.90
N ALA H 151 40.90 9.23 8.80
CA ALA H 151 42.18 8.55 8.65
C ALA H 151 42.03 7.03 8.72
N ASP H 152 41.23 6.55 9.68
CA ASP H 152 41.17 5.12 9.93
C ASP H 152 40.56 4.33 8.77
N CYS H 153 39.81 5.00 7.88
CA CYS H 153 39.24 4.30 6.73
C CYS H 153 40.33 3.77 5.81
N ALA H 154 41.34 4.58 5.53
CA ALA H 154 42.44 4.15 4.67
C ALA H 154 43.25 3.04 5.34
N GLY H 155 43.51 3.16 6.64
CA GLY H 155 44.27 2.15 7.34
C GLY H 155 43.51 0.83 7.39
N ALA H 156 44.16 -0.23 6.96
CA ALA H 156 43.54 -1.56 6.94
C ALA H 156 44.60 -2.66 7.02
ZN ZN I . -19.08 13.58 -28.56
ZN ZN J . -21.90 1.52 -15.05
ZN ZN K . -25.78 -6.86 -19.58
ZN ZN L . -12.45 -25.21 -20.37
ZN ZN M . -13.77 -14.19 -35.80
ZN ZN N . -22.12 -8.55 -33.15
ZN ZN O . 8.31 -22.77 27.42
ZN ZN P . -1.51 -24.33 12.11
ZN ZN Q . -11.26 -27.12 15.32
ZN ZN R . -28.23 -11.80 15.58
ZN ZN S . -19.48 -15.52 32.21
ZN ZN T . -13.74 -23.62 30.01
ZN ZN U . 11.04 35.70 -3.92
ZN ZN V . 24.22 25.05 -11.28
ZN ZN W . 32.02 25.56 -3.78
ZN ZN X . 35.91 7.21 8.62
ZN ZN Y . 26.01 20.07 16.73
ZN ZN Z . 27.58 29.65 9.84
#